data_6MF2
#
_entry.id   6MF2
#
_cell.length_a   134.569
_cell.length_b   134.569
_cell.length_c   359.496
_cell.angle_alpha   90.000
_cell.angle_beta   90.000
_cell.angle_gamma   90.000
#
_symmetry.space_group_name_H-M   'P 41 21 2'
#
loop_
_entity.id
_entity.type
_entity.pdbx_description
1 polymer 'Coagulation factor VIII'
2 branched beta-D-mannopyranose-(1-4)-2-acetamido-2-deoxy-beta-D-glucopyranose-(1-4)-2-acetamido-2-deoxy-beta-D-glucopyranose
3 non-polymer 'CALCIUM ION'
4 non-polymer 'ZINC ION'
5 non-polymer 'COPPER (I) ION'
6 water water
#
_entity_poly.entity_id   1
_entity_poly.type   'polypeptide(L)'
_entity_poly.pdbx_seq_one_letter_code
;SATRRYYLGAVELSWDYMQSDLGELPVDARFPPRVPKSFPFNTSVVYKKTLFVEFTDHLFNIAKPRPPWMGLLGPTIQAE
VYDTVVITLKNMASHPVSLHAVGVSYWKASEGAEYDDQTSQREKEDDKVFPGGSHTYVWQVLKENGPMASDPLCLTYSYL
SHVDLVKDLNSGLIGALLVCREGSLAKEKTQTLHKFILLFAVFDEGKSWHSETKNSLMQDRDAASARAWPKMHTVNGYVN
RSLPGLIGCHRKSVYWHVIGMGTTPEVHSIFLEGHTFLVRNHRQASLEISPITFLTAQTLLMDLGQFLLFCHISSHQHDG
MEAYVKVDSCPEEPQLRMKNNEEAEDYDDDLTDSEMDVVRFDDDNSPSFIQIRSVAKKHPKTWVHYIAAEEEDWDYAPLV
LAPDDRSYKSQYLNNGPQRIGRKYKKVRFMAYTDETFKTREAIQHESGILGPLLYGEVGDTLLIIFKNQASRPYNIYPHG
ITDVRPLYSRRLPKGVKHLKDFPILPGEIFKYKWTVTVEDGPTKSDPRCLTRYYSSFVNMERDLASGLIGPLLICYKESV
DQRGNQIMSDKRNVILFSVFDENRSWYLTENIQRFLPNPAGVQLEDPEFQASNIMHSINGYVFDSLQLSVCLHEVAYWYI
LSIGAQTDFLSVFFSGYTFKHKMVYEDTLTLFPFSGETVFMSMENPGLWILGCHNSDFRNRGMTALLKVSSCDKNTGDYY
EDSYEDISAYLLSKNNAIEPRSDPLAWDNHYGTQIPKEEWKSQEKSPEKTAFKKKDTILSLNACESNHAIAAINEGQNKP
EIEVTWAKQGRTERLCSQNPPVLKRHQREITRTTLQSDQEEIDYDDTISVEMKKEDFDIYDEDENQSPRSFQKKTRHYFI
AAVERLWDYGMSSSPHVLRNRAQSGSVPQFKKVVFQEFTDGSFTQPLYRGELNEHLGLLGPYIRAEVEDNIMVTFRNQAS
RPYSFYSSLISYEEDQRQGAEPRKNFVKPNETKTYFWKVQHHMAPTKDEFDCKAWAYFSDVDLEKDVHSGLIGPLLVCHT
NTLNPAHGRQVTVQEFALFFTIFDETKSWYFTENMERNCRAPCNIQMEDPTFKENYRFHAINGYIMDTLPGLVMAQDQRI
RWYLLSMGSNENIHSIHFSGHVFTVRKKEEYKMALYNLYPGVFETVEMLPSKAGIWRVECLIGEHLHAGMSTLFLVYSNK
CQTPLGMASGHIRDFQITASGQYGQWAPKLARLHYSGSINAWSTKEPFSWIKVDLLAPMIIHGIKTQGARQKFSSLYISQ
FIIMYSLDGKKWQTYRGNSTGTLMVFFGNVDSSGIKHNIFNPPIIARYIRLHPTHYSIRSTLRMELMGCDLNSCSMPLGM
ESKAISDAQITASSYFTNMFATWSPSKARLHLQGRSNAWRPQVNNPKEWLQVDFQKTMKVTGVTTQGVKSLLTSMYVKEF
LISSSQDGHQWTLFFQNGKVKVFQGNQDSFTPVVNSLDPPLLTRYLRIHPQSWVHQIALRMEVLGCEAQDLY
;
_entity_poly.pdbx_strand_id   A
#
# COMPACT_ATOMS: atom_id res chain seq x y z
N ALA A 2 -22.49 7.34 21.28
CA ALA A 2 -23.42 7.92 20.32
C ALA A 2 -22.95 7.71 18.89
N THR A 3 -23.58 8.39 17.95
CA THR A 3 -23.29 8.22 16.53
C THR A 3 -22.85 9.49 15.83
N ARG A 4 -23.45 10.63 16.17
CA ARG A 4 -23.12 11.93 15.57
C ARG A 4 -23.34 11.94 14.06
N ARG A 5 -24.39 12.65 13.63
CA ARG A 5 -24.76 12.74 12.22
C ARG A 5 -24.20 14.03 11.64
N TYR A 6 -23.51 13.92 10.52
CA TYR A 6 -22.99 15.09 9.82
C TYR A 6 -23.79 15.32 8.54
N TYR A 7 -23.96 16.59 8.19
CA TYR A 7 -24.63 16.98 6.95
C TYR A 7 -23.60 17.63 6.03
N LEU A 8 -23.75 17.42 4.73
CA LEU A 8 -22.71 17.83 3.78
C LEU A 8 -23.33 18.37 2.51
N GLY A 9 -22.45 18.70 1.55
CA GLY A 9 -22.82 19.26 0.27
C GLY A 9 -21.57 19.65 -0.50
N ALA A 10 -21.49 19.25 -1.77
CA ALA A 10 -20.25 19.45 -2.52
C ALA A 10 -20.06 20.92 -2.89
N VAL A 11 -21.15 21.62 -3.23
CA VAL A 11 -21.23 23.09 -3.25
C VAL A 11 -20.08 23.72 -4.03
N GLU A 12 -20.27 23.90 -5.35
CA GLU A 12 -19.27 24.55 -6.20
C GLU A 12 -19.15 26.02 -5.83
N LEU A 13 -17.99 26.41 -5.28
CA LEU A 13 -17.72 27.78 -4.84
C LEU A 13 -16.48 28.36 -5.54
N SER A 14 -16.32 29.67 -5.37
CA SER A 14 -15.31 30.47 -6.05
C SER A 14 -14.17 30.81 -5.09
N TRP A 15 -12.94 30.73 -5.59
CA TRP A 15 -11.77 30.78 -4.73
C TRP A 15 -10.64 31.54 -5.43
N ASP A 16 -9.93 32.39 -4.68
CA ASP A 16 -8.83 33.16 -5.25
C ASP A 16 -7.58 33.16 -4.37
N TYR A 17 -7.51 32.30 -3.37
CA TYR A 17 -6.31 32.08 -2.55
C TYR A 17 -6.04 33.20 -1.56
N MET A 18 -5.30 34.24 -1.95
CA MET A 18 -4.90 35.27 -0.99
C MET A 18 -6.07 36.06 -0.43
N GLN A 19 -6.95 35.42 0.33
CA GLN A 19 -8.06 36.11 1.00
C GLN A 19 -8.64 35.17 2.06
N SER A 20 -9.75 35.57 2.66
CA SER A 20 -10.53 34.71 3.55
C SER A 20 -10.86 33.37 2.89
N SER A 44 -4.99 38.88 -7.77
CA SER A 44 -6.37 38.72 -7.37
C SER A 44 -7.09 37.72 -8.25
N VAL A 45 -6.33 36.91 -8.97
CA VAL A 45 -6.89 36.00 -9.97
C VAL A 45 -7.79 34.97 -9.29
N VAL A 46 -9.09 35.01 -9.61
CA VAL A 46 -10.07 34.13 -9.01
C VAL A 46 -10.09 32.80 -9.74
N TYR A 47 -10.34 31.72 -9.01
CA TYR A 47 -10.51 30.41 -9.60
C TYR A 47 -11.79 29.75 -9.12
N LYS A 48 -12.23 28.78 -9.92
CA LYS A 48 -13.51 28.11 -9.76
C LYS A 48 -13.24 26.70 -9.25
N LYS A 49 -13.82 26.37 -8.10
CA LYS A 49 -13.58 25.08 -7.47
C LYS A 49 -14.89 24.52 -6.93
N THR A 50 -14.79 23.37 -6.29
CA THR A 50 -15.88 22.79 -5.51
C THR A 50 -15.31 22.31 -4.19
N LEU A 51 -16.12 22.39 -3.14
CA LEU A 51 -15.61 22.37 -1.77
C LEU A 51 -16.67 21.79 -0.86
N PHE A 52 -16.39 20.66 -0.22
CA PHE A 52 -17.27 20.18 0.84
C PHE A 52 -17.48 21.28 1.86
N VAL A 53 -18.68 21.33 2.43
CA VAL A 53 -18.99 22.29 3.48
C VAL A 53 -20.18 21.83 4.29
N GLU A 54 -20.02 21.78 5.60
CA GLU A 54 -21.10 21.42 6.50
C GLU A 54 -22.30 22.35 6.32
N PHE A 55 -23.50 21.81 6.55
CA PHE A 55 -24.72 22.58 6.68
C PHE A 55 -25.37 22.22 8.00
N THR A 56 -26.28 23.09 8.47
CA THR A 56 -26.76 22.95 9.83
C THR A 56 -27.89 21.93 9.96
N ASP A 57 -28.81 21.89 9.00
CA ASP A 57 -30.00 21.05 9.09
C ASP A 57 -30.24 20.30 7.80
N HIS A 58 -31.00 19.21 7.91
CA HIS A 58 -31.36 18.38 6.75
C HIS A 58 -32.13 19.16 5.70
N LEU A 59 -32.54 20.40 6.00
CA LEU A 59 -33.13 21.26 4.99
C LEU A 59 -32.10 21.65 3.94
N PHE A 60 -30.85 21.85 4.36
CA PHE A 60 -29.72 22.25 3.50
C PHE A 60 -29.90 23.66 2.96
N ASN A 61 -30.41 24.55 3.82
CA ASN A 61 -30.52 25.98 3.53
C ASN A 61 -29.29 26.74 4.02
N ILE A 62 -29.05 26.70 5.33
CA ILE A 62 -27.97 27.46 5.95
C ILE A 62 -26.65 26.70 5.84
N ALA A 63 -25.55 27.43 5.85
CA ALA A 63 -24.21 26.85 5.87
C ALA A 63 -23.71 26.75 7.31
N LYS A 64 -22.45 26.35 7.50
CA LYS A 64 -21.94 26.17 8.84
C LYS A 64 -20.83 27.17 9.15
N PRO A 65 -20.80 27.73 10.37
CA PRO A 65 -19.77 28.72 10.71
C PRO A 65 -18.35 28.16 10.65
N ARG A 66 -17.64 28.40 9.55
CA ARG A 66 -16.35 27.73 9.49
C ARG A 66 -15.21 28.70 9.76
N PRO A 67 -14.19 28.24 10.50
CA PRO A 67 -13.16 29.16 10.98
C PRO A 67 -12.26 29.62 9.85
N PRO A 68 -11.63 30.80 9.98
CA PRO A 68 -10.92 31.39 8.83
C PRO A 68 -9.75 30.56 8.36
N TRP A 69 -9.06 29.91 9.29
CA TRP A 69 -7.79 29.23 9.00
C TRP A 69 -7.97 27.90 8.31
N MET A 70 -9.18 27.35 8.24
CA MET A 70 -9.38 26.16 7.43
C MET A 70 -9.10 26.50 5.98
N GLY A 71 -10.06 27.12 5.31
CA GLY A 71 -9.91 27.40 3.89
C GLY A 71 -10.75 26.46 3.07
N LEU A 72 -10.10 25.67 2.21
CA LEU A 72 -10.85 24.72 1.39
C LEU A 72 -11.45 23.61 2.23
N LEU A 73 -10.74 23.19 3.27
CA LEU A 73 -10.88 21.84 3.80
C LEU A 73 -12.32 21.49 4.13
N GLY A 74 -12.73 20.30 3.69
CA GLY A 74 -13.96 19.72 4.17
C GLY A 74 -13.93 19.67 5.67
N PRO A 75 -15.10 19.69 6.31
CA PRO A 75 -15.15 19.86 7.76
C PRO A 75 -14.39 18.78 8.50
N THR A 76 -13.94 19.13 9.71
CA THR A 76 -13.20 18.22 10.56
C THR A 76 -14.18 17.21 11.18
N ILE A 77 -14.03 15.94 10.80
CA ILE A 77 -14.91 14.88 11.25
C ILE A 77 -14.24 14.18 12.42
N GLN A 78 -14.68 14.47 13.63
CA GLN A 78 -14.13 13.86 14.84
C GLN A 78 -15.02 12.70 15.24
N ALA A 79 -14.48 11.48 15.17
CA ALA A 79 -15.17 10.27 15.55
C ALA A 79 -14.35 9.53 16.61
N GLU A 80 -15.03 9.06 17.66
CA GLU A 80 -14.38 8.21 18.64
C GLU A 80 -14.37 6.77 18.15
N VAL A 81 -14.11 5.83 19.06
CA VAL A 81 -14.21 4.42 18.76
C VAL A 81 -15.53 3.92 19.33
N TYR A 82 -16.12 2.93 18.65
CA TYR A 82 -17.49 2.46 18.89
C TYR A 82 -18.53 3.51 18.54
N ASP A 83 -18.15 4.54 17.79
CA ASP A 83 -19.08 5.56 17.33
C ASP A 83 -19.60 5.21 15.93
N THR A 84 -20.51 6.03 15.41
CA THR A 84 -21.13 5.68 14.14
C THR A 84 -21.41 6.97 13.35
N VAL A 85 -20.34 7.52 12.76
CA VAL A 85 -20.50 8.60 11.79
C VAL A 85 -21.51 8.18 10.73
N VAL A 86 -22.42 9.07 10.38
CA VAL A 86 -23.51 8.78 9.45
C VAL A 86 -23.33 9.51 8.13
N ILE A 87 -23.10 10.81 8.18
CA ILE A 87 -22.98 11.71 7.03
C ILE A 87 -24.29 11.72 6.24
N THR A 88 -24.37 12.61 5.23
CA THR A 88 -25.50 12.81 4.34
C THR A 88 -25.09 13.82 3.27
N LEU A 89 -24.55 13.34 2.15
CA LEU A 89 -24.02 14.23 1.13
C LEU A 89 -25.17 14.93 0.39
N LYS A 90 -24.81 15.75 -0.60
CA LYS A 90 -25.75 16.35 -1.56
C LYS A 90 -24.96 17.03 -2.67
N ASN A 91 -24.75 16.34 -3.79
CA ASN A 91 -23.93 16.86 -4.88
C ASN A 91 -24.63 18.06 -5.51
N MET A 92 -24.45 19.22 -4.87
CA MET A 92 -25.03 20.45 -5.40
C MET A 92 -24.29 20.96 -6.64
N ALA A 93 -23.16 20.35 -6.99
CA ALA A 93 -22.31 20.85 -8.07
C ALA A 93 -22.84 20.46 -9.45
N SER A 94 -21.93 20.36 -10.43
CA SER A 94 -22.28 20.06 -11.82
C SER A 94 -21.56 18.82 -12.31
N HIS A 95 -21.34 17.86 -11.42
CA HIS A 95 -20.59 16.64 -11.73
C HIS A 95 -20.82 15.66 -10.59
N PRO A 96 -20.59 14.37 -10.83
CA PRO A 96 -20.70 13.38 -9.75
C PRO A 96 -19.58 13.55 -8.73
N VAL A 97 -19.85 13.06 -7.52
CA VAL A 97 -18.86 13.03 -6.45
C VAL A 97 -18.95 11.70 -5.73
N SER A 98 -18.41 11.61 -4.52
CA SER A 98 -18.57 10.43 -3.69
C SER A 98 -18.27 10.82 -2.23
N LEU A 99 -17.86 9.86 -1.43
CA LEU A 99 -17.42 10.17 -0.08
C LEU A 99 -16.51 9.06 0.46
N HIS A 100 -15.48 8.73 -0.31
CA HIS A 100 -14.54 7.68 0.08
C HIS A 100 -13.83 8.08 1.37
N ALA A 101 -14.02 7.25 2.41
CA ALA A 101 -13.24 7.45 3.63
C ALA A 101 -11.89 6.73 3.52
N VAL A 102 -11.02 7.03 4.48
CA VAL A 102 -9.77 6.32 4.63
C VAL A 102 -9.56 6.08 6.12
N GLY A 103 -9.36 4.83 6.51
CA GLY A 103 -9.07 4.52 7.88
C GLY A 103 -10.25 4.23 8.78
N VAL A 104 -11.44 4.01 8.21
CA VAL A 104 -12.60 3.55 8.97
C VAL A 104 -13.31 2.48 8.17
N SER A 105 -14.24 1.78 8.81
CA SER A 105 -14.95 0.67 8.22
C SER A 105 -16.35 1.09 7.76
N TYR A 106 -16.82 0.43 6.69
CA TYR A 106 -18.13 0.76 6.15
C TYR A 106 -18.69 -0.42 5.35
N TRP A 107 -20.01 -0.54 5.38
CA TRP A 107 -20.79 -1.65 4.84
C TRP A 107 -20.91 -1.70 3.32
N LYS A 108 -19.86 -1.39 2.57
CA LYS A 108 -19.88 -1.51 1.12
C LYS A 108 -20.88 -0.56 0.45
N ALA A 109 -21.98 -0.27 1.14
CA ALA A 109 -22.93 0.77 0.77
C ALA A 109 -22.42 2.16 1.12
N SER A 110 -21.14 2.26 1.49
CA SER A 110 -20.57 3.52 1.98
C SER A 110 -19.10 3.61 1.62
N GLU A 111 -18.62 2.78 0.70
CA GLU A 111 -17.29 2.94 0.13
C GLU A 111 -17.29 4.22 -0.70
N GLY A 112 -17.34 4.08 -2.01
CA GLY A 112 -17.35 5.24 -2.88
C GLY A 112 -16.38 5.06 -4.03
N ALA A 113 -16.57 4.00 -4.80
CA ALA A 113 -15.72 3.71 -5.95
C ALA A 113 -16.43 2.71 -6.82
N GLU A 114 -16.53 3.02 -8.12
CA GLU A 114 -17.18 2.13 -9.07
C GLU A 114 -16.12 1.21 -9.68
N TYR A 115 -16.13 -0.04 -9.26
CA TYR A 115 -15.33 -1.09 -9.85
C TYR A 115 -16.11 -2.39 -9.67
N ASP A 116 -15.89 -3.36 -10.56
CA ASP A 116 -16.74 -4.55 -10.58
C ASP A 116 -16.51 -5.34 -9.30
N ASP A 117 -17.06 -4.84 -8.20
CA ASP A 117 -17.16 -5.59 -6.97
C ASP A 117 -18.30 -6.59 -7.00
N GLN A 118 -18.77 -6.95 -8.21
CA GLN A 118 -19.84 -7.94 -8.41
C GLN A 118 -21.03 -7.68 -7.50
N THR A 119 -21.24 -6.41 -7.16
CA THR A 119 -22.29 -6.03 -6.22
C THR A 119 -23.50 -5.47 -6.98
N SER A 120 -24.61 -5.34 -6.25
CA SER A 120 -25.93 -5.09 -6.79
C SER A 120 -26.07 -3.72 -7.42
N GLN A 121 -27.31 -3.25 -7.55
CA GLN A 121 -27.55 -1.85 -7.90
C GLN A 121 -27.63 -1.00 -6.64
N ARG A 122 -28.36 -1.48 -5.63
CA ARG A 122 -28.51 -0.74 -4.38
C ARG A 122 -27.17 -0.49 -3.69
N GLU A 123 -26.14 -1.23 -4.05
CA GLU A 123 -24.83 -1.09 -3.43
C GLU A 123 -23.84 -0.35 -4.32
N LYS A 124 -24.29 0.17 -5.46
CA LYS A 124 -23.49 1.09 -6.25
C LYS A 124 -24.18 2.45 -6.38
N GLU A 125 -25.22 2.70 -5.57
CA GLU A 125 -25.68 4.05 -5.31
C GLU A 125 -24.57 4.89 -4.69
N ASP A 126 -23.91 4.34 -3.67
CA ASP A 126 -22.87 5.06 -2.95
C ASP A 126 -21.71 5.45 -3.85
N ASP A 127 -21.47 4.67 -4.91
CA ASP A 127 -20.27 4.85 -5.72
C ASP A 127 -20.19 6.26 -6.33
N LYS A 128 -21.32 6.76 -6.87
CA LYS A 128 -21.31 8.06 -7.57
C LYS A 128 -22.66 8.76 -7.33
N VAL A 129 -22.65 9.80 -6.48
CA VAL A 129 -23.84 10.64 -6.32
C VAL A 129 -23.88 11.67 -7.45
N PHE A 130 -25.03 11.76 -8.12
CA PHE A 130 -25.26 12.63 -9.26
C PHE A 130 -25.75 14.00 -8.81
N PRO A 131 -25.70 15.04 -9.69
CA PRO A 131 -26.21 16.36 -9.31
C PRO A 131 -27.64 16.32 -8.77
N GLY A 132 -28.04 17.37 -8.05
CA GLY A 132 -29.25 17.30 -7.26
C GLY A 132 -28.95 16.48 -6.02
N GLY A 133 -28.78 15.18 -6.20
CA GLY A 133 -28.08 14.32 -5.28
C GLY A 133 -28.55 14.18 -3.84
N SER A 134 -28.00 13.18 -3.16
CA SER A 134 -28.24 12.91 -1.75
C SER A 134 -27.36 11.76 -1.30
N HIS A 135 -27.99 10.70 -0.77
CA HIS A 135 -27.33 9.51 -0.22
C HIS A 135 -26.80 9.77 1.18
N THR A 136 -26.99 8.80 2.07
CA THR A 136 -26.44 8.80 3.42
C THR A 136 -25.43 7.66 3.52
N TYR A 137 -24.41 7.82 4.35
CA TYR A 137 -23.23 6.95 4.25
C TYR A 137 -23.05 5.97 5.40
N VAL A 138 -23.04 6.41 6.66
CA VAL A 138 -22.75 5.56 7.81
C VAL A 138 -21.31 5.05 7.78
N TRP A 139 -20.56 5.34 8.86
CA TRP A 139 -19.20 4.88 9.06
C TRP A 139 -19.12 4.28 10.45
N GLN A 140 -18.07 3.47 10.69
CA GLN A 140 -18.19 2.51 11.78
C GLN A 140 -17.17 2.65 12.91
N VAL A 141 -15.95 3.13 12.65
CA VAL A 141 -14.84 3.18 13.61
C VAL A 141 -14.85 1.99 14.57
N LEU A 142 -14.32 0.86 14.12
CA LEU A 142 -14.29 -0.36 14.90
C LEU A 142 -13.15 -0.33 15.92
N LYS A 143 -13.17 -1.30 16.84
CA LYS A 143 -12.01 -1.50 17.72
C LYS A 143 -10.75 -1.74 16.91
N GLU A 144 -10.86 -2.39 15.75
CA GLU A 144 -9.72 -2.52 14.84
C GLU A 144 -9.39 -1.20 14.15
N ASN A 145 -10.37 -0.31 14.00
CA ASN A 145 -10.10 0.99 13.38
C ASN A 145 -9.40 1.97 14.31
N GLY A 146 -9.35 1.68 15.61
CA GLY A 146 -8.81 2.60 16.58
C GLY A 146 -7.29 2.68 16.59
N PRO A 147 -6.74 3.45 17.53
CA PRO A 147 -5.29 3.67 17.56
C PRO A 147 -4.59 2.86 18.64
N MET A 148 -3.34 2.45 18.36
CA MET A 148 -2.65 1.50 19.22
C MET A 148 -2.20 2.11 20.54
N ALA A 149 -1.26 1.44 21.21
CA ALA A 149 -0.80 1.90 22.51
C ALA A 149 0.15 3.09 22.39
N SER A 150 0.99 3.11 21.36
CA SER A 150 1.90 4.22 21.11
C SER A 150 1.44 5.04 19.92
N ASP A 151 0.15 5.20 19.79
CA ASP A 151 -0.44 6.08 18.80
C ASP A 151 -1.02 7.31 19.48
N PRO A 152 -1.05 8.44 18.77
CA PRO A 152 -1.52 9.71 19.38
C PRO A 152 -2.89 9.64 20.01
N LEU A 153 -3.27 10.71 20.71
CA LEU A 153 -4.63 10.86 21.21
C LEU A 153 -5.68 10.70 20.11
N CYS A 154 -5.26 10.78 18.84
CA CYS A 154 -6.16 10.81 17.71
C CYS A 154 -5.40 10.54 16.41
N LEU A 155 -5.83 9.54 15.65
CA LEU A 155 -5.24 9.24 14.35
C LEU A 155 -5.62 10.32 13.34
N THR A 156 -4.82 10.41 12.27
CA THR A 156 -4.99 11.45 11.27
C THR A 156 -5.42 10.80 9.95
N TYR A 157 -6.67 11.00 9.57
CA TYR A 157 -7.21 10.46 8.33
C TYR A 157 -7.95 11.57 7.59
N SER A 158 -8.29 11.28 6.34
CA SER A 158 -8.99 12.26 5.52
C SER A 158 -10.18 11.55 4.88
N TYR A 159 -10.76 12.20 3.88
CA TYR A 159 -11.71 11.56 2.99
C TYR A 159 -11.73 12.39 1.72
N LEU A 160 -11.99 11.74 0.60
CA LEU A 160 -12.03 12.43 -0.66
C LEU A 160 -13.16 11.88 -1.50
N SER A 161 -13.85 12.77 -2.20
CA SER A 161 -14.73 12.34 -3.27
C SER A 161 -13.92 11.55 -4.30
N HIS A 162 -14.50 10.44 -4.77
CA HIS A 162 -13.78 9.45 -5.55
C HIS A 162 -14.60 9.02 -6.77
N VAL A 163 -14.86 9.97 -7.68
CA VAL A 163 -15.36 9.60 -9.01
C VAL A 163 -14.15 9.49 -9.93
N ASP A 164 -13.82 10.54 -10.68
CA ASP A 164 -12.47 10.66 -11.20
C ASP A 164 -11.62 11.33 -10.13
N LEU A 165 -10.52 10.68 -9.76
CA LEU A 165 -9.74 11.14 -8.63
C LEU A 165 -8.87 12.34 -8.97
N VAL A 166 -8.26 12.35 -10.15
CA VAL A 166 -7.48 13.50 -10.58
C VAL A 166 -8.32 14.76 -10.51
N LYS A 167 -9.47 14.74 -11.19
CA LYS A 167 -10.35 15.90 -11.21
C LYS A 167 -10.95 16.20 -9.84
N ASP A 168 -11.19 15.18 -9.02
CA ASP A 168 -11.79 15.40 -7.70
C ASP A 168 -10.87 16.20 -6.80
N LEU A 169 -9.58 15.85 -6.78
CA LEU A 169 -8.67 16.49 -5.84
C LEU A 169 -8.30 17.90 -6.30
N ASN A 170 -7.87 18.03 -7.55
CA ASN A 170 -7.47 19.33 -8.08
C ASN A 170 -8.56 20.38 -7.94
N SER A 171 -9.82 19.97 -7.83
CA SER A 171 -10.94 20.90 -7.64
C SER A 171 -11.22 21.18 -6.17
N GLY A 172 -10.53 20.53 -5.24
CA GLY A 172 -10.69 20.84 -3.83
C GLY A 172 -11.69 19.98 -3.10
N LEU A 173 -11.62 18.67 -3.28
CA LEU A 173 -12.47 17.73 -2.57
C LEU A 173 -11.59 16.89 -1.64
N ILE A 174 -11.61 17.24 -0.35
CA ILE A 174 -10.79 16.61 0.68
C ILE A 174 -11.17 17.17 2.04
N GLY A 175 -11.22 16.30 3.05
CA GLY A 175 -11.59 16.69 4.39
C GLY A 175 -10.70 16.03 5.43
N ALA A 176 -11.00 16.31 6.70
CA ALA A 176 -10.19 15.85 7.82
C ALA A 176 -10.98 14.81 8.62
N LEU A 177 -10.54 13.55 8.54
CA LEU A 177 -11.17 12.45 9.27
C LEU A 177 -10.32 12.11 10.48
N LEU A 178 -10.84 12.38 11.68
CA LEU A 178 -10.09 12.14 12.90
C LEU A 178 -10.71 10.99 13.67
N VAL A 179 -9.87 10.03 14.06
CA VAL A 179 -10.30 8.84 14.78
C VAL A 179 -9.74 8.86 16.20
N CYS A 180 -10.37 9.65 17.07
CA CYS A 180 -9.88 9.77 18.43
C CYS A 180 -10.21 8.51 19.22
N ARG A 181 -9.30 8.11 20.10
CA ARG A 181 -9.45 6.85 20.82
C ARG A 181 -10.65 6.89 21.77
N GLU A 182 -11.01 5.71 22.27
CA GLU A 182 -12.17 5.56 23.13
C GLU A 182 -12.13 6.56 24.28
N GLY A 183 -13.32 7.08 24.63
CA GLY A 183 -13.47 8.07 25.67
C GLY A 183 -12.46 9.20 25.61
N SER A 184 -12.71 10.21 24.78
CA SER A 184 -11.67 11.24 24.61
C SER A 184 -12.22 12.59 24.16
N LEU A 185 -13.52 12.85 24.26
CA LEU A 185 -14.08 14.09 23.75
C LEU A 185 -14.76 14.93 24.83
N ALA A 186 -14.60 14.58 26.10
CA ALA A 186 -15.20 15.36 27.18
C ALA A 186 -14.41 16.64 27.42
N LYS A 187 -14.10 17.37 26.34
CA LYS A 187 -13.26 18.56 26.34
C LYS A 187 -12.07 18.39 27.28
N GLU A 188 -11.05 17.69 26.80
CA GLU A 188 -9.91 17.24 27.60
C GLU A 188 -9.28 18.37 28.41
N LYS A 189 -9.33 18.22 29.74
CA LYS A 189 -8.90 19.24 30.69
C LYS A 189 -9.42 20.62 30.29
N THR A 190 -8.52 21.47 29.82
CA THR A 190 -8.88 22.71 29.12
C THR A 190 -8.34 22.56 27.71
N GLN A 191 -9.21 22.15 26.78
CA GLN A 191 -8.79 21.97 25.39
C GLN A 191 -8.25 23.27 24.81
N THR A 192 -8.77 24.41 25.27
CA THR A 192 -8.49 25.77 24.79
C THR A 192 -7.84 25.84 23.40
N LEU A 193 -6.58 25.42 23.29
CA LEU A 193 -5.77 25.66 22.09
C LEU A 193 -5.68 24.42 21.21
N HIS A 194 -4.88 23.45 21.65
CA HIS A 194 -4.70 22.15 21.01
C HIS A 194 -4.19 22.20 19.58
N LYS A 195 -5.08 21.97 18.62
CA LYS A 195 -4.69 21.43 17.32
C LYS A 195 -5.23 22.25 16.16
N PHE A 196 -4.51 22.13 15.04
CA PHE A 196 -4.92 22.66 13.76
C PHE A 196 -4.55 21.62 12.70
N ILE A 197 -5.10 21.79 11.51
CA ILE A 197 -4.96 20.81 10.45
C ILE A 197 -4.36 21.50 9.24
N LEU A 198 -3.27 20.95 8.72
CA LEU A 198 -2.56 21.54 7.59
C LEU A 198 -2.70 20.62 6.38
N LEU A 199 -3.10 21.20 5.25
CA LEU A 199 -3.31 20.40 4.05
C LEU A 199 -2.27 20.74 2.97
N PHE A 200 -1.00 20.45 3.24
CA PHE A 200 0.05 20.78 2.27
C PHE A 200 -0.28 20.14 0.93
N ALA A 201 -1.01 20.87 0.09
CA ALA A 201 -1.57 20.35 -1.14
C ALA A 201 -1.06 21.12 -2.35
N VAL A 202 -1.26 20.53 -3.52
CA VAL A 202 -0.80 21.07 -4.79
C VAL A 202 -1.95 21.01 -5.79
N PHE A 203 -2.91 21.92 -5.67
CA PHE A 203 -4.04 21.95 -6.61
C PHE A 203 -3.54 22.37 -7.98
N ASP A 204 -3.68 21.47 -8.95
CA ASP A 204 -3.34 21.77 -10.34
C ASP A 204 -4.63 22.18 -11.08
N GLU A 205 -5.08 23.40 -10.79
CA GLU A 205 -6.36 23.91 -11.28
C GLU A 205 -6.46 23.85 -12.80
N GLY A 206 -5.39 23.44 -13.47
CA GLY A 206 -5.46 23.09 -14.88
C GLY A 206 -6.26 21.84 -15.13
N LYS A 207 -5.69 20.68 -14.80
CA LYS A 207 -6.32 19.38 -15.05
C LYS A 207 -7.47 19.06 -14.10
N SER A 208 -8.34 20.01 -13.80
CA SER A 208 -9.44 19.75 -12.89
C SER A 208 -10.77 19.71 -13.64
N TRP A 209 -11.86 19.58 -12.89
CA TRP A 209 -13.23 19.50 -13.39
C TRP A 209 -13.67 20.76 -14.14
N HIS A 210 -12.79 21.76 -14.33
CA HIS A 210 -13.13 23.02 -15.01
C HIS A 210 -11.91 23.42 -15.84
N SER A 211 -11.81 22.85 -17.04
CA SER A 211 -10.69 23.16 -17.93
C SER A 211 -11.16 23.33 -19.37
N TRP A 229 -3.05 27.49 -17.18
CA TRP A 229 -3.52 27.33 -15.81
C TRP A 229 -2.33 26.96 -14.90
N PRO A 230 -2.45 27.24 -13.58
CA PRO A 230 -1.27 27.18 -12.70
C PRO A 230 -1.25 26.03 -11.69
N LYS A 231 -0.12 25.32 -11.58
CA LYS A 231 0.09 24.38 -10.48
C LYS A 231 0.25 25.19 -9.20
N MET A 232 -0.83 25.31 -8.44
CA MET A 232 -0.90 26.23 -7.31
C MET A 232 -0.57 25.50 -6.01
N HIS A 233 0.72 25.49 -5.65
CA HIS A 233 1.11 25.03 -4.33
C HIS A 233 0.48 25.90 -3.26
N THR A 234 -0.33 25.31 -2.39
CA THR A 234 -0.96 26.05 -1.30
C THR A 234 -0.67 25.36 0.02
N VAL A 235 -1.43 25.76 1.04
CA VAL A 235 -1.38 25.23 2.39
C VAL A 235 -2.77 25.56 2.95
N ASN A 236 -3.67 24.58 2.97
CA ASN A 236 -5.08 24.77 3.30
C ASN A 236 -5.81 25.61 2.26
N GLY A 237 -5.21 25.84 1.10
CA GLY A 237 -5.80 26.62 0.05
C GLY A 237 -5.35 28.06 -0.04
N TYR A 238 -4.22 28.40 0.55
CA TYR A 238 -3.70 29.75 0.55
C TYR A 238 -2.27 29.72 0.04
N VAL A 239 -1.91 30.70 -0.78
CA VAL A 239 -0.55 30.82 -1.28
C VAL A 239 0.11 32.03 -0.64
N ASN A 240 1.44 31.99 -0.55
CA ASN A 240 2.23 33.16 -0.16
C ASN A 240 1.80 33.76 1.17
N ARG A 241 2.18 33.09 2.26
CA ARG A 241 2.17 33.64 3.62
C ARG A 241 0.79 34.21 4.01
N SER A 242 -0.27 33.76 3.36
CA SER A 242 -1.58 34.42 3.43
C SER A 242 -2.59 33.63 4.25
N LEU A 243 -2.14 32.75 5.15
CA LEU A 243 -3.06 31.87 5.86
C LEU A 243 -3.35 32.37 7.27
N PRO A 244 -4.48 33.04 7.50
CA PRO A 244 -4.72 33.70 8.79
C PRO A 244 -5.25 32.72 9.83
N GLY A 245 -4.64 32.73 11.01
CA GLY A 245 -5.25 32.05 12.14
C GLY A 245 -4.37 31.16 13.00
N LEU A 246 -3.27 30.65 12.45
CA LEU A 246 -2.43 29.70 13.18
C LEU A 246 -1.83 30.38 14.39
N ILE A 247 -2.34 30.04 15.57
CA ILE A 247 -1.96 30.68 16.83
C ILE A 247 -1.67 29.58 17.83
N GLY A 248 -0.49 29.64 18.46
CA GLY A 248 -0.15 28.72 19.53
C GLY A 248 -0.24 29.39 20.90
N CYS A 249 0.05 28.60 21.91
CA CYS A 249 0.30 29.12 23.25
C CYS A 249 1.79 29.19 23.49
N HIS A 250 2.19 29.93 24.53
CA HIS A 250 3.61 30.19 24.72
C HIS A 250 4.36 28.92 25.13
N ARG A 251 4.05 28.37 26.30
CA ARG A 251 4.74 27.16 26.70
C ARG A 251 4.00 25.90 26.27
N LYS A 252 2.67 25.91 26.27
CA LYS A 252 1.91 24.78 25.77
C LYS A 252 2.39 24.37 24.38
N SER A 253 2.38 23.07 24.12
CA SER A 253 2.77 22.58 22.80
C SER A 253 1.63 22.77 21.82
N VAL A 254 1.69 22.10 20.67
CA VAL A 254 0.68 22.25 19.64
C VAL A 254 0.74 21.00 18.76
N TYR A 255 -0.40 20.63 18.17
CA TYR A 255 -0.56 19.37 17.48
C TYR A 255 -1.01 19.61 16.05
N TRP A 256 -0.20 19.20 15.09
CA TRP A 256 -0.51 19.35 13.67
C TRP A 256 -1.00 18.02 13.11
N HIS A 257 -2.17 18.03 12.48
CA HIS A 257 -2.64 16.89 11.69
C HIS A 257 -2.29 17.16 10.23
N VAL A 258 -1.06 16.77 9.87
CA VAL A 258 -0.61 16.92 8.50
C VAL A 258 -1.45 16.05 7.57
N ILE A 259 -1.70 16.56 6.37
CA ILE A 259 -2.30 15.77 5.29
C ILE A 259 -1.59 16.16 4.01
N GLY A 260 -0.90 15.20 3.38
CA GLY A 260 -0.42 15.42 2.04
C GLY A 260 -1.57 15.45 1.05
N MET A 261 -1.29 15.92 -0.16
CA MET A 261 -2.28 15.89 -1.23
C MET A 261 -1.62 16.34 -2.52
N GLY A 262 -2.20 15.92 -3.64
CA GLY A 262 -1.67 16.29 -4.94
C GLY A 262 -1.48 15.08 -5.84
N THR A 263 -2.00 15.17 -7.06
CA THR A 263 -2.25 14.00 -7.90
C THR A 263 -1.09 13.66 -8.85
N THR A 264 0.16 13.72 -8.36
CA THR A 264 1.35 13.36 -9.13
C THR A 264 2.57 13.49 -8.22
N PRO A 265 3.43 12.42 -8.11
CA PRO A 265 4.51 12.38 -7.10
C PRO A 265 4.79 13.68 -6.34
N GLU A 266 5.72 14.49 -6.84
CA GLU A 266 6.05 15.80 -6.26
C GLU A 266 6.26 15.76 -4.75
N VAL A 267 7.50 15.51 -4.33
CA VAL A 267 7.81 15.52 -2.91
C VAL A 267 7.71 16.93 -2.34
N HIS A 268 7.64 17.01 -1.02
CA HIS A 268 7.53 18.27 -0.30
C HIS A 268 8.44 18.18 0.93
N SER A 269 8.52 19.27 1.69
CA SER A 269 9.39 19.33 2.84
C SER A 269 9.08 20.55 3.68
N ILE A 270 8.46 20.36 4.84
CA ILE A 270 7.94 21.47 5.63
C ILE A 270 8.87 21.75 6.79
N PHE A 271 9.25 23.01 6.96
CA PHE A 271 9.86 23.47 8.20
C PHE A 271 8.98 24.53 8.83
N LEU A 272 8.89 24.49 10.14
CA LEU A 272 8.55 25.65 10.93
C LEU A 272 9.89 26.20 11.39
N GLU A 273 10.30 27.35 10.83
CA GLU A 273 11.70 27.75 10.93
C GLU A 273 12.15 27.89 12.36
N GLY A 274 11.27 28.36 13.24
CA GLY A 274 11.69 28.46 14.63
C GLY A 274 11.90 27.12 15.31
N HIS A 275 11.59 26.00 14.66
CA HIS A 275 11.28 24.81 15.45
C HIS A 275 11.63 23.50 14.75
N THR A 276 11.55 22.43 15.54
CA THR A 276 11.74 21.04 15.16
C THR A 276 10.48 20.24 15.49
N PHE A 277 10.24 19.19 14.70
CA PHE A 277 8.99 18.45 14.76
C PHE A 277 9.14 17.10 15.44
N LEU A 278 8.02 16.65 16.03
CA LEU A 278 7.94 15.35 16.68
C LEU A 278 6.94 14.48 15.95
N VAL A 279 7.42 13.38 15.40
CA VAL A 279 6.59 12.27 14.95
C VAL A 279 7.09 11.03 15.67
N ARG A 280 6.16 10.11 15.96
CA ARG A 280 6.42 9.04 16.91
C ARG A 280 7.01 9.67 18.17
N ASN A 281 8.29 9.40 18.40
CA ASN A 281 9.09 10.19 19.32
C ASN A 281 10.46 10.48 18.72
N HIS A 282 10.55 10.48 17.39
CA HIS A 282 11.78 10.80 16.70
C HIS A 282 11.83 12.30 16.47
N ARG A 283 12.98 12.90 16.76
CA ARG A 283 13.19 14.32 16.45
C ARG A 283 13.33 14.47 14.94
N GLN A 284 12.43 15.24 14.34
CA GLN A 284 12.49 15.52 12.93
C GLN A 284 12.56 17.04 12.75
N ALA A 285 13.22 17.47 11.68
CA ALA A 285 13.15 18.87 11.26
C ALA A 285 12.07 19.05 10.21
N SER A 286 12.19 18.35 9.09
CA SER A 286 11.24 18.47 8.00
C SER A 286 10.13 17.45 8.15
N LEU A 287 8.87 17.92 8.12
CA LEU A 287 7.74 17.05 7.82
C LEU A 287 7.86 16.69 6.34
N GLU A 288 8.72 15.71 6.06
CA GLU A 288 8.96 15.33 4.68
C GLU A 288 7.71 14.71 4.06
N ILE A 289 6.68 15.51 3.78
CA ILE A 289 5.46 14.93 3.24
C ILE A 289 5.67 14.55 1.78
N SER A 290 4.86 13.60 1.33
CA SER A 290 4.98 12.91 0.06
C SER A 290 3.72 13.18 -0.77
N PRO A 291 3.36 12.37 -1.81
CA PRO A 291 2.05 12.53 -2.45
C PRO A 291 0.87 12.68 -1.49
N ILE A 292 0.24 11.57 -1.11
CA ILE A 292 -0.88 11.59 -0.20
C ILE A 292 -0.47 10.88 1.08
N THR A 293 -0.46 11.63 2.18
CA THR A 293 0.27 11.25 3.37
C THR A 293 -0.48 11.74 4.60
N PHE A 294 -0.48 10.93 5.65
CA PHE A 294 -1.06 11.32 6.93
C PHE A 294 0.03 11.30 7.99
N LEU A 295 0.16 12.40 8.74
CA LEU A 295 1.05 12.49 9.88
C LEU A 295 0.28 13.03 11.08
N THR A 296 0.94 13.00 12.23
CA THR A 296 0.40 13.56 13.45
C THR A 296 1.55 14.21 14.22
N ALA A 297 2.14 15.25 13.64
CA ALA A 297 3.26 15.91 14.26
C ALA A 297 2.82 16.80 15.41
N GLN A 298 3.69 16.94 16.38
CA GLN A 298 3.56 17.97 17.40
C GLN A 298 4.85 18.77 17.45
N THR A 299 4.72 20.06 17.68
CA THR A 299 5.86 20.91 17.92
C THR A 299 5.62 21.71 19.18
N LEU A 300 6.70 22.08 19.86
CA LEU A 300 6.65 22.77 21.13
C LEU A 300 7.09 24.21 20.92
N LEU A 301 6.13 25.09 20.69
CA LEU A 301 6.40 26.51 20.67
C LEU A 301 6.94 26.93 22.02
N MET A 302 8.05 27.68 22.03
CA MET A 302 8.53 28.19 23.30
C MET A 302 9.06 29.61 23.24
N ASP A 303 9.21 30.19 22.06
CA ASP A 303 9.63 31.58 21.91
C ASP A 303 8.47 32.34 21.28
N LEU A 304 8.14 33.50 21.86
CA LEU A 304 7.11 34.33 21.26
C LEU A 304 7.49 34.73 19.84
N GLY A 305 6.48 35.15 19.10
CA GLY A 305 6.72 35.70 17.79
C GLY A 305 5.97 35.06 16.63
N GLN A 306 6.59 35.13 15.44
CA GLN A 306 6.06 34.60 14.21
C GLN A 306 7.13 33.89 13.43
N PHE A 307 6.74 32.69 12.97
CA PHE A 307 7.68 31.76 12.35
C PHE A 307 7.12 31.30 11.01
N LEU A 308 8.01 31.16 10.04
CA LEU A 308 7.65 30.88 8.65
C LEU A 308 7.49 29.38 8.51
N LEU A 309 6.26 28.90 8.68
CA LEU A 309 5.95 27.55 8.24
C LEU A 309 6.01 27.55 6.73
N PHE A 310 7.11 27.05 6.19
CA PHE A 310 7.38 27.17 4.77
C PHE A 310 7.74 25.81 4.21
N CYS A 311 8.03 25.78 2.91
CA CYS A 311 8.44 24.56 2.24
C CYS A 311 9.78 24.80 1.59
N HIS A 312 10.81 24.09 2.07
CA HIS A 312 12.15 24.17 1.52
C HIS A 312 12.21 23.74 0.06
N ILE A 313 12.57 22.47 -0.17
CA ILE A 313 12.86 21.84 -1.46
C ILE A 313 13.39 22.85 -2.47
N SER A 314 14.70 22.83 -2.66
CA SER A 314 15.39 23.79 -3.50
C SER A 314 15.13 23.59 -4.98
N SER A 315 14.31 22.61 -5.39
CA SER A 315 13.93 22.48 -6.80
C SER A 315 13.08 23.68 -7.16
N HIS A 316 13.76 24.83 -7.27
CA HIS A 316 13.14 26.13 -7.49
C HIS A 316 11.85 26.25 -6.70
N GLN A 317 10.81 25.65 -7.27
CA GLN A 317 9.41 26.06 -7.14
C GLN A 317 8.87 26.13 -5.72
N HIS A 318 7.78 25.38 -5.50
CA HIS A 318 6.79 25.69 -4.50
C HIS A 318 6.65 27.20 -4.35
N ASP A 319 6.01 27.82 -5.35
CA ASP A 319 5.58 29.20 -5.26
C ASP A 319 4.51 29.30 -4.18
N GLY A 320 4.87 29.87 -3.05
CA GLY A 320 4.07 29.70 -1.84
C GLY A 320 4.46 28.43 -1.12
N MET A 321 3.46 27.64 -0.73
CA MET A 321 3.65 26.53 0.20
C MET A 321 4.31 27.04 1.48
N GLU A 322 3.95 28.25 1.87
CA GLU A 322 4.42 28.86 3.10
C GLU A 322 3.27 29.61 3.75
N ALA A 323 3.30 29.69 5.08
CA ALA A 323 2.32 30.46 5.83
C ALA A 323 2.89 30.71 7.23
N TYR A 324 2.25 31.63 7.94
CA TYR A 324 2.81 32.17 9.16
C TYR A 324 2.14 31.56 10.38
N VAL A 325 2.93 31.42 11.46
CA VAL A 325 2.51 30.72 12.67
C VAL A 325 2.81 31.63 13.85
N LYS A 326 1.85 32.46 14.23
CA LYS A 326 2.04 33.30 15.40
C LYS A 326 1.99 32.47 16.67
N VAL A 327 2.69 32.93 17.69
CA VAL A 327 2.57 32.33 19.02
C VAL A 327 2.59 33.46 20.06
N ASP A 328 1.41 33.92 20.44
CA ASP A 328 1.29 34.90 21.50
C ASP A 328 1.24 34.14 22.83
N SER A 329 0.67 34.74 23.87
CA SER A 329 0.64 34.10 25.18
C SER A 329 -0.82 33.98 25.63
N CYS A 330 -1.36 32.77 25.53
CA CYS A 330 -2.69 32.40 26.02
C CYS A 330 -2.80 32.83 27.49
N PRO A 331 -4.02 33.10 28.00
CA PRO A 331 -4.13 33.72 29.33
C PRO A 331 -3.77 32.78 30.48
N GLU A 332 -4.71 32.59 31.40
CA GLU A 332 -4.47 31.77 32.58
C GLU A 332 -4.23 30.30 32.22
N LYS A 378 30.42 13.26 33.97
CA LYS A 378 29.13 13.46 33.31
C LYS A 378 28.67 14.91 33.42
N HIS A 379 29.58 15.84 33.19
CA HIS A 379 29.20 17.25 33.23
C HIS A 379 29.22 17.87 31.83
N PRO A 380 28.34 18.84 31.57
CA PRO A 380 28.39 19.55 30.29
C PRO A 380 29.75 20.16 30.03
N LYS A 381 30.43 19.66 29.00
CA LYS A 381 31.70 20.20 28.57
C LYS A 381 31.48 21.40 27.66
N THR A 382 32.56 21.96 27.13
CA THR A 382 32.47 23.09 26.20
C THR A 382 33.52 22.88 25.11
N TRP A 383 33.06 22.48 23.93
CA TRP A 383 33.97 22.28 22.82
C TRP A 383 34.44 23.62 22.28
N VAL A 384 35.71 23.69 21.89
CA VAL A 384 36.28 24.85 21.23
C VAL A 384 36.64 24.44 19.81
N HIS A 385 36.42 25.34 18.86
CA HIS A 385 36.79 25.09 17.48
C HIS A 385 37.24 26.39 16.86
N TYR A 386 38.46 26.42 16.34
CA TYR A 386 38.94 27.53 15.51
C TYR A 386 38.84 27.10 14.06
N ILE A 387 37.85 27.66 13.36
CA ILE A 387 37.54 27.32 11.98
C ILE A 387 37.70 28.56 11.12
N ALA A 388 37.92 28.34 9.82
CA ALA A 388 38.12 29.44 8.89
C ALA A 388 37.75 28.98 7.49
N ALA A 389 37.39 29.93 6.64
CA ALA A 389 36.85 29.66 5.30
C ALA A 389 37.88 30.10 4.27
N GLU A 390 38.82 29.22 3.93
CA GLU A 390 39.89 29.55 3.01
C GLU A 390 39.74 28.79 1.69
N GLU A 391 40.00 29.52 0.61
CA GLU A 391 39.94 28.99 -0.75
C GLU A 391 41.05 27.96 -0.97
N GLU A 392 40.88 27.15 -2.02
CA GLU A 392 41.82 26.07 -2.30
C GLU A 392 41.50 25.46 -3.65
N ASP A 393 42.44 24.66 -4.15
CA ASP A 393 42.20 23.80 -5.29
C ASP A 393 41.55 22.51 -4.81
N TRP A 394 40.54 22.05 -5.54
CA TRP A 394 39.85 20.81 -5.20
C TRP A 394 39.91 19.83 -6.36
N ASP A 395 40.53 18.67 -6.12
CA ASP A 395 40.54 17.57 -7.07
C ASP A 395 39.34 16.68 -6.78
N TYR A 396 38.38 16.65 -7.72
CA TYR A 396 37.12 15.95 -7.48
C TYR A 396 37.32 14.44 -7.45
N ALA A 397 37.79 13.87 -8.55
CA ALA A 397 38.31 12.51 -8.54
C ALA A 397 39.81 12.58 -8.65
N PRO A 398 40.57 12.25 -7.60
CA PRO A 398 42.02 12.40 -7.67
C PRO A 398 42.70 11.24 -8.39
N LEU A 399 43.41 10.40 -7.62
CA LEU A 399 44.33 9.41 -8.15
C LEU A 399 43.68 8.41 -9.09
N VAL A 400 42.37 8.55 -9.34
CA VAL A 400 41.67 7.61 -10.20
C VAL A 400 42.31 7.58 -11.57
N LEU A 401 42.51 6.36 -12.10
CA LEU A 401 43.17 6.22 -13.39
C LEU A 401 42.44 6.99 -14.48
N ALA A 402 41.10 6.96 -14.45
CA ALA A 402 40.16 7.73 -15.27
C ALA A 402 40.73 8.10 -16.65
N PRO A 403 41.19 7.14 -17.44
CA PRO A 403 41.81 7.46 -18.73
C PRO A 403 40.84 7.59 -19.88
N ASP A 404 39.54 7.41 -19.62
CA ASP A 404 38.55 7.33 -20.68
C ASP A 404 38.43 8.68 -21.40
N ASP A 405 38.57 8.64 -22.72
CA ASP A 405 38.22 9.76 -23.58
C ASP A 405 37.08 9.42 -24.53
N ARG A 406 36.49 8.23 -24.39
CA ARG A 406 35.38 7.77 -25.22
C ARG A 406 34.03 8.27 -24.73
N SER A 407 33.96 9.53 -24.30
CA SER A 407 32.73 10.24 -23.96
C SER A 407 32.04 9.76 -22.68
N TYR A 408 31.15 10.60 -22.17
CA TYR A 408 30.32 10.43 -20.96
C TYR A 408 31.10 10.63 -19.66
N LYS A 409 31.67 9.56 -19.11
CA LYS A 409 32.53 9.70 -17.94
C LYS A 409 33.59 10.77 -18.17
N SER A 410 34.10 10.88 -19.40
CA SER A 410 35.15 11.82 -19.72
C SER A 410 34.66 13.26 -19.67
N GLN A 411 33.39 13.52 -19.99
CA GLN A 411 32.87 14.88 -19.94
C GLN A 411 33.13 15.55 -18.61
N TYR A 412 33.29 14.76 -17.55
CA TYR A 412 33.40 15.27 -16.19
C TYR A 412 34.82 15.41 -15.68
N LEU A 413 35.75 14.56 -16.13
CA LEU A 413 37.04 14.43 -15.48
C LEU A 413 38.23 14.86 -16.32
N ASN A 414 38.07 15.12 -17.62
CA ASN A 414 39.18 15.37 -18.52
C ASN A 414 39.07 16.76 -19.15
N ASN A 415 40.16 17.51 -19.09
CA ASN A 415 40.23 18.85 -19.67
C ASN A 415 40.24 18.78 -21.19
N GLY A 416 39.76 19.84 -21.84
CA GLY A 416 39.69 19.87 -23.28
C GLY A 416 39.42 21.23 -23.89
N PRO A 417 38.59 21.26 -24.95
CA PRO A 417 38.37 22.51 -25.71
C PRO A 417 37.47 23.48 -24.98
N GLN A 418 36.40 22.95 -24.38
CA GLN A 418 35.46 23.74 -23.59
C GLN A 418 35.04 22.95 -22.37
N ARG A 419 36.04 22.35 -21.70
CA ARG A 419 35.83 21.50 -20.53
C ARG A 419 36.81 21.95 -19.45
N ILE A 420 36.29 22.58 -18.38
CA ILE A 420 37.14 22.89 -17.23
C ILE A 420 37.77 21.62 -16.69
N GLY A 421 37.06 20.49 -16.80
CA GLY A 421 37.62 19.22 -16.37
C GLY A 421 37.16 18.81 -14.99
N ARG A 422 38.12 18.57 -14.10
CA ARG A 422 37.86 17.92 -12.83
C ARG A 422 38.49 18.60 -11.62
N LYS A 423 39.55 19.39 -11.79
CA LYS A 423 40.14 20.14 -10.70
C LYS A 423 39.61 21.56 -10.81
N TYR A 424 38.53 21.84 -10.08
CA TYR A 424 37.97 23.19 -9.97
C TYR A 424 38.46 23.83 -8.68
N LYS A 425 38.38 25.16 -8.63
CA LYS A 425 38.78 25.92 -7.45
C LYS A 425 37.56 26.19 -6.59
N LYS A 426 37.69 25.96 -5.28
CA LYS A 426 36.55 25.98 -4.37
C LYS A 426 36.98 26.62 -3.05
N VAL A 427 36.01 26.91 -2.19
CA VAL A 427 36.25 27.39 -0.84
C VAL A 427 35.55 26.45 0.14
N ARG A 428 36.30 25.96 1.12
CA ARG A 428 35.75 25.06 2.12
C ARG A 428 36.00 25.64 3.51
N PHE A 429 35.44 24.98 4.52
CA PHE A 429 35.89 25.22 5.87
C PHE A 429 37.17 24.45 6.15
N MET A 430 37.87 24.88 7.19
CA MET A 430 39.21 24.36 7.50
C MET A 430 39.45 24.57 8.98
N ALA A 431 39.97 23.54 9.66
CA ALA A 431 40.14 23.57 11.10
C ALA A 431 41.59 23.87 11.46
N TYR A 432 41.79 24.87 12.31
CA TYR A 432 43.09 25.26 12.82
C TYR A 432 43.21 24.86 14.29
N THR A 433 44.28 25.31 14.94
CA THR A 433 44.56 24.94 16.32
C THR A 433 44.40 26.07 17.32
N ASP A 434 44.61 27.31 16.92
CA ASP A 434 44.56 28.45 17.82
C ASP A 434 44.17 29.69 17.02
N GLU A 435 43.90 30.78 17.73
CA GLU A 435 43.55 32.03 17.07
C GLU A 435 44.71 32.56 16.24
N THR A 436 45.85 31.87 16.23
CA THR A 436 46.93 32.28 15.34
C THR A 436 46.58 32.00 13.89
N PHE A 437 45.72 31.01 13.64
CA PHE A 437 45.26 30.65 12.30
C PHE A 437 46.42 30.48 11.33
N LYS A 438 47.52 29.91 11.81
CA LYS A 438 48.69 29.68 10.97
C LYS A 438 49.06 28.22 10.83
N THR A 439 48.39 27.32 11.55
CA THR A 439 48.68 25.89 11.50
C THR A 439 47.36 25.12 11.33
N ARG A 440 47.16 24.54 10.16
CA ARG A 440 46.01 23.68 9.91
C ARG A 440 46.11 22.43 10.78
N GLU A 441 45.00 21.72 10.89
CA GLU A 441 45.03 20.43 11.57
C GLU A 441 44.97 19.31 10.55
N ALA A 442 45.31 18.11 11.01
CA ALA A 442 45.54 16.96 10.13
C ALA A 442 44.31 16.60 9.31
N ILE A 443 44.38 16.82 7.99
CA ILE A 443 43.27 16.48 7.12
C ILE A 443 43.12 14.97 7.06
N GLN A 444 42.03 14.51 6.45
CA GLN A 444 41.85 13.09 6.23
C GLN A 444 40.99 12.88 5.00
N HIS A 445 41.46 12.00 4.12
CA HIS A 445 40.59 11.27 3.21
C HIS A 445 39.38 10.77 3.99
N GLU A 446 38.30 10.38 3.29
CA GLU A 446 37.04 9.98 3.91
C GLU A 446 36.34 11.16 4.58
N SER A 447 36.58 12.36 4.05
CA SER A 447 36.05 13.59 4.58
C SER A 447 36.31 14.70 3.57
N GLY A 448 36.58 14.29 2.33
CA GLY A 448 36.87 15.21 1.25
C GLY A 448 35.86 16.34 1.18
N ILE A 449 36.37 17.56 1.24
CA ILE A 449 35.65 18.82 1.02
C ILE A 449 34.76 19.20 2.21
N LEU A 450 34.18 18.23 2.91
CA LEU A 450 33.41 18.64 4.08
C LEU A 450 34.35 19.08 5.17
N GLY A 451 33.92 20.08 5.93
CA GLY A 451 34.74 20.68 6.95
C GLY A 451 34.97 19.76 8.12
N PRO A 452 35.44 20.32 9.24
CA PRO A 452 35.73 19.49 10.40
C PRO A 452 34.46 18.94 11.03
N LEU A 453 34.62 17.86 11.79
CA LEU A 453 33.50 17.26 12.50
C LEU A 453 33.22 18.06 13.77
N LEU A 454 31.96 18.44 13.95
CA LEU A 454 31.53 19.22 15.11
C LEU A 454 30.61 18.35 15.95
N TYR A 455 31.14 17.80 17.04
CA TYR A 455 30.37 17.00 17.98
C TYR A 455 29.62 17.93 18.95
N GLY A 456 28.59 17.39 19.59
CA GLY A 456 27.84 18.19 20.53
C GLY A 456 26.81 17.46 21.38
N GLU A 457 27.21 17.03 22.57
CA GLU A 457 26.31 16.36 23.49
C GLU A 457 25.28 17.35 24.03
N VAL A 458 24.18 16.81 24.56
CA VAL A 458 23.11 17.65 25.09
C VAL A 458 23.55 18.27 26.40
N GLY A 459 23.34 19.57 26.55
CA GLY A 459 23.89 20.36 27.63
C GLY A 459 25.24 20.96 27.29
N ASP A 460 26.03 20.27 26.45
CA ASP A 460 27.32 20.76 26.01
C ASP A 460 27.16 22.06 25.23
N THR A 461 28.23 22.83 25.19
CA THR A 461 28.29 24.10 24.48
C THR A 461 29.43 24.08 23.46
N LEU A 462 29.15 24.53 22.25
CA LEU A 462 30.20 24.75 21.25
C LEU A 462 30.59 26.22 21.21
N LEU A 463 31.79 26.48 20.67
CA LEU A 463 32.43 27.79 20.79
C LEU A 463 33.11 28.17 19.48
N ILE A 464 32.32 28.23 18.40
CA ILE A 464 32.87 28.37 17.06
C ILE A 464 33.50 29.75 16.90
N ILE A 465 34.82 29.77 16.70
CA ILE A 465 35.57 30.98 16.38
C ILE A 465 35.87 30.92 14.89
N PHE A 466 35.31 31.85 14.11
CA PHE A 466 35.35 31.78 12.66
C PHE A 466 36.09 32.99 12.10
N LYS A 467 36.87 32.77 11.04
CA LYS A 467 37.65 33.82 10.41
C LYS A 467 37.62 33.62 8.89
N ASN A 468 36.95 34.52 8.18
CA ASN A 468 36.93 34.40 6.73
C ASN A 468 38.35 34.63 6.17
N GLN A 469 38.59 34.06 5.00
CA GLN A 469 39.90 34.11 4.37
C GLN A 469 39.74 33.99 2.85
N ALA A 470 38.83 34.76 2.28
CA ALA A 470 38.47 34.57 0.89
C ALA A 470 38.13 35.91 0.25
N SER A 471 37.97 35.90 -1.07
CA SER A 471 37.59 37.10 -1.80
C SER A 471 36.11 37.42 -1.71
N ARG A 472 35.40 36.89 -0.70
CA ARG A 472 33.96 37.04 -0.58
C ARG A 472 33.59 37.05 0.89
N PRO A 473 32.40 37.57 1.24
CA PRO A 473 31.94 37.49 2.64
C PRO A 473 31.11 36.26 2.94
N TYR A 474 31.62 35.36 3.77
CA TYR A 474 30.97 34.09 4.06
C TYR A 474 30.47 34.05 5.49
N ASN A 475 29.89 32.91 5.87
CA ASN A 475 29.25 32.79 7.16
C ASN A 475 29.24 31.33 7.60
N ILE A 476 28.88 31.13 8.87
CA ILE A 476 28.79 29.79 9.43
C ILE A 476 27.67 29.73 10.46
N TYR A 477 26.56 29.12 10.06
CA TYR A 477 25.39 28.85 10.87
C TYR A 477 25.17 27.35 10.98
N PRO A 478 24.60 26.86 12.09
CA PRO A 478 24.34 25.42 12.19
C PRO A 478 22.86 25.10 11.97
N HIS A 479 22.58 23.83 11.71
CA HIS A 479 21.21 23.35 11.59
C HIS A 479 20.88 22.45 12.77
N GLY A 480 19.78 22.74 13.46
CA GLY A 480 19.33 21.89 14.54
C GLY A 480 19.46 22.55 15.90
N ILE A 481 20.70 22.86 16.28
CA ILE A 481 20.91 23.75 17.42
C ILE A 481 20.18 25.05 17.17
N THR A 482 19.47 25.56 18.18
CA THR A 482 18.65 26.74 17.99
C THR A 482 19.17 27.97 18.71
N ASP A 483 19.83 27.82 19.86
CA ASP A 483 20.49 28.95 20.50
C ASP A 483 21.86 29.15 19.87
N VAL A 484 22.17 30.39 19.50
CA VAL A 484 23.20 30.62 18.50
C VAL A 484 23.66 32.07 18.48
N ARG A 485 23.16 32.86 19.43
CA ARG A 485 23.64 34.22 19.66
C ARG A 485 25.17 34.25 19.68
N PRO A 486 25.80 35.37 19.34
CA PRO A 486 27.25 35.45 19.48
C PRO A 486 27.66 35.33 20.94
N LEU A 487 28.97 35.22 21.15
CA LEU A 487 29.52 35.15 22.49
C LEU A 487 29.19 36.40 23.29
N TYR A 488 29.52 36.36 24.58
CA TYR A 488 29.61 37.56 25.42
C TYR A 488 28.32 38.37 25.51
N SER A 489 27.80 38.85 24.37
CA SER A 489 26.59 39.64 24.38
C SER A 489 25.50 38.96 23.55
N ARG A 490 24.26 39.13 24.00
CA ARG A 490 23.12 38.60 23.27
C ARG A 490 22.81 39.45 22.04
N ARG A 491 22.91 40.78 22.18
CA ARG A 491 22.31 41.67 21.20
C ARG A 491 23.03 41.58 19.86
N LEU A 492 22.25 41.48 18.79
CA LEU A 492 22.78 41.34 17.45
C LEU A 492 23.47 42.62 17.02
N PRO A 493 24.39 42.53 16.03
CA PRO A 493 25.26 43.68 15.73
C PRO A 493 24.56 44.86 15.08
N LYS A 494 24.88 45.10 13.81
CA LYS A 494 24.44 46.29 13.10
C LYS A 494 22.94 46.23 12.82
N GLY A 495 22.50 46.88 11.75
CA GLY A 495 21.14 46.70 11.32
C GLY A 495 20.91 45.30 10.78
N VAL A 496 21.11 44.29 11.62
CA VAL A 496 20.87 42.90 11.25
C VAL A 496 19.86 42.30 12.23
N LYS A 497 18.86 41.60 11.67
CA LYS A 497 17.74 41.03 12.39
C LYS A 497 18.02 39.62 12.88
N HIS A 498 18.89 38.89 12.19
CA HIS A 498 19.19 37.51 12.56
C HIS A 498 20.60 37.16 12.10
N LEU A 499 21.29 36.38 12.94
CA LEU A 499 22.70 36.08 12.68
C LEU A 499 22.92 35.33 11.37
N LYS A 500 21.88 34.66 10.85
CA LYS A 500 21.99 33.97 9.56
C LYS A 500 22.58 34.88 8.49
N ASP A 501 22.02 36.07 8.33
CA ASP A 501 22.45 36.94 7.24
C ASP A 501 23.21 38.15 7.77
N PHE A 502 24.34 37.87 8.41
CA PHE A 502 25.28 38.88 8.90
C PHE A 502 26.64 38.49 8.33
N PRO A 503 27.00 39.00 7.15
CA PRO A 503 28.24 38.57 6.51
C PRO A 503 29.47 38.91 7.33
N ILE A 504 30.52 38.14 7.10
CA ILE A 504 31.76 38.25 7.85
C ILE A 504 32.84 38.71 6.88
N LEU A 505 33.26 39.98 7.01
CA LEU A 505 34.03 40.63 5.97
C LEU A 505 35.38 39.94 5.79
N PRO A 506 35.89 39.86 4.54
CA PRO A 506 36.99 38.93 4.22
C PRO A 506 38.26 39.13 5.03
N GLY A 507 38.20 38.94 6.34
CA GLY A 507 39.40 39.03 7.15
C GLY A 507 39.16 39.17 8.63
N GLU A 508 37.90 39.31 9.03
CA GLU A 508 37.59 39.56 10.43
C GLU A 508 37.43 38.24 11.18
N ILE A 509 37.14 38.32 12.47
CA ILE A 509 37.03 37.14 13.32
C ILE A 509 35.81 37.31 14.21
N PHE A 510 34.82 36.43 14.05
CA PHE A 510 33.67 36.39 14.94
C PHE A 510 33.73 35.17 15.84
N LYS A 511 33.36 35.38 17.11
CA LYS A 511 33.30 34.32 18.12
C LYS A 511 31.83 34.00 18.38
N TYR A 512 31.38 32.86 17.86
CA TYR A 512 30.04 32.31 18.04
C TYR A 512 29.98 31.42 19.28
N LYS A 513 28.77 31.29 19.83
CA LYS A 513 28.52 30.39 20.96
C LYS A 513 27.24 29.60 20.70
N TRP A 514 27.39 28.32 20.39
CA TRP A 514 26.28 27.40 20.22
C TRP A 514 26.03 26.65 21.51
N THR A 515 24.77 26.48 21.86
CA THR A 515 24.39 25.77 23.06
C THR A 515 23.31 24.75 22.73
N VAL A 516 23.48 23.53 23.22
CA VAL A 516 22.54 22.45 22.93
C VAL A 516 21.65 22.21 24.13
N THR A 517 20.35 22.40 23.93
CA THR A 517 19.33 22.05 24.90
C THR A 517 18.58 20.83 24.40
N VAL A 518 18.02 20.04 25.34
CA VAL A 518 17.41 18.76 25.01
C VAL A 518 16.45 18.89 23.83
N GLU A 519 15.75 20.02 23.76
CA GLU A 519 14.80 20.28 22.68
C GLU A 519 15.45 20.24 21.31
N ASP A 520 16.78 20.18 21.25
CA ASP A 520 17.54 20.07 20.01
C ASP A 520 18.13 18.69 19.81
N GLY A 521 17.95 17.78 20.76
CA GLY A 521 18.62 16.50 20.71
C GLY A 521 17.67 15.32 20.68
N PRO A 522 18.24 14.13 20.61
CA PRO A 522 17.42 12.91 20.52
C PRO A 522 16.50 12.71 21.72
N THR A 523 15.51 11.85 21.49
CA THR A 523 14.40 11.60 22.43
C THR A 523 14.19 10.09 22.53
N LYS A 524 15.06 9.41 23.28
CA LYS A 524 14.92 7.97 23.52
C LYS A 524 14.78 7.19 22.22
N SER A 525 13.62 7.31 21.57
CA SER A 525 13.27 6.54 20.38
C SER A 525 14.14 6.83 19.19
N ASP A 526 15.19 7.64 19.22
CA ASP A 526 16.04 7.87 18.06
C ASP A 526 17.48 7.58 18.43
N PRO A 527 18.36 7.37 17.44
CA PRO A 527 19.71 6.92 17.77
C PRO A 527 20.48 7.98 18.53
N ARG A 528 21.39 7.52 19.40
CA ARG A 528 22.10 8.37 20.34
C ARG A 528 22.52 9.69 19.70
N CYS A 529 23.03 9.63 18.48
CA CYS A 529 23.41 10.80 17.72
C CYS A 529 22.50 10.95 16.51
N LEU A 530 21.97 12.15 16.31
CA LEU A 530 21.30 12.46 15.06
C LEU A 530 22.25 13.29 14.21
N THR A 531 22.12 13.16 12.90
CA THR A 531 23.05 13.80 11.98
C THR A 531 22.52 15.16 11.56
N ARG A 532 23.41 16.16 11.50
CA ARG A 532 23.05 17.52 11.12
C ARG A 532 24.21 18.14 10.36
N TYR A 533 23.90 19.15 9.55
CA TYR A 533 24.89 19.91 8.81
C TYR A 533 24.95 21.35 9.31
N TYR A 534 25.98 22.07 8.87
CA TYR A 534 26.12 23.51 9.11
C TYR A 534 26.82 24.13 7.91
N SER A 535 26.42 25.35 7.55
CA SER A 535 26.97 25.98 6.36
C SER A 535 26.83 27.49 6.44
N SER A 536 27.13 28.16 5.32
CA SER A 536 27.07 29.61 5.20
C SER A 536 25.65 30.07 4.87
N PHE A 537 25.30 31.26 5.37
CA PHE A 537 23.93 31.76 5.22
C PHE A 537 23.90 33.21 4.78
N VAL A 538 24.88 33.65 3.97
CA VAL A 538 24.75 34.93 3.28
C VAL A 538 24.19 34.74 1.88
N ASN A 539 24.27 33.54 1.33
CA ASN A 539 23.64 33.19 0.07
C ASN A 539 23.55 31.67 0.03
N MET A 540 22.51 31.13 0.70
CA MET A 540 22.39 29.71 1.04
C MET A 540 22.86 28.80 -0.09
N GLU A 541 22.52 29.15 -1.33
CA GLU A 541 22.88 28.34 -2.50
C GLU A 541 24.37 28.38 -2.81
N ARG A 542 24.79 29.42 -3.54
CA ARG A 542 26.12 29.42 -4.16
C ARG A 542 27.24 29.31 -3.14
N ASP A 543 27.00 29.78 -1.91
CA ASP A 543 27.94 29.53 -0.83
C ASP A 543 28.22 28.05 -0.70
N LEU A 544 27.16 27.24 -0.63
CA LEU A 544 27.33 25.79 -0.48
C LEU A 544 27.82 25.15 -1.77
N ALA A 545 27.40 25.64 -2.93
CA ALA A 545 27.88 25.06 -4.17
C ALA A 545 29.36 25.28 -4.41
N SER A 546 30.04 26.03 -3.55
CA SER A 546 31.48 26.19 -3.62
C SER A 546 32.22 25.26 -2.66
N GLY A 547 31.53 24.62 -1.73
CA GLY A 547 32.16 23.69 -0.82
C GLY A 547 32.03 24.08 0.64
N LEU A 548 31.12 25.00 0.93
CA LEU A 548 30.94 25.47 2.30
C LEU A 548 29.92 24.56 2.99
N ILE A 549 30.40 23.39 3.40
CA ILE A 549 29.54 22.37 4.01
C ILE A 549 30.35 21.60 5.05
N GLY A 550 29.65 21.09 6.07
CA GLY A 550 30.29 20.36 7.13
C GLY A 550 29.31 19.68 8.08
N PRO A 551 29.79 18.66 8.82
CA PRO A 551 28.88 17.83 9.63
C PRO A 551 28.85 18.16 11.11
N LEU A 552 27.66 18.10 11.71
CA LEU A 552 27.43 18.44 13.11
C LEU A 552 26.52 17.42 13.73
N LEU A 553 26.94 16.79 14.82
CA LEU A 553 26.12 15.80 15.51
C LEU A 553 25.59 16.36 16.82
N ILE A 554 24.34 16.02 17.11
CA ILE A 554 23.70 16.35 18.38
C ILE A 554 23.34 15.02 19.03
N CYS A 555 24.01 14.69 20.12
CA CYS A 555 23.91 13.38 20.73
C CYS A 555 23.32 13.50 22.13
N TYR A 556 22.82 12.37 22.64
CA TYR A 556 22.24 12.32 23.97
C TYR A 556 23.35 12.32 25.02
N LYS A 557 22.97 12.14 26.28
CA LYS A 557 23.91 12.27 27.38
C LYS A 557 24.55 10.94 27.73
N ARG A 572 33.58 8.34 14.07
CA ARG A 572 33.69 9.01 12.77
C ARG A 572 32.73 8.35 11.77
N ASN A 573 33.16 8.28 10.51
CA ASN A 573 32.38 7.76 9.38
C ASN A 573 31.23 8.69 8.99
N VAL A 574 31.54 9.88 8.49
CA VAL A 574 30.55 10.78 7.94
C VAL A 574 30.48 10.58 6.44
N ILE A 575 29.27 10.43 5.90
CA ILE A 575 29.04 10.33 4.48
C ILE A 575 28.14 11.48 4.07
N LEU A 576 28.54 12.21 3.04
CA LEU A 576 27.76 13.34 2.54
C LEU A 576 27.56 13.18 1.04
N PHE A 577 26.31 13.04 0.63
CA PHE A 577 25.97 12.99 -0.78
C PHE A 577 25.74 14.43 -1.25
N SER A 578 26.59 14.89 -2.16
CA SER A 578 26.63 16.30 -2.53
C SER A 578 26.70 16.45 -4.04
N VAL A 579 25.74 17.16 -4.60
CA VAL A 579 25.77 17.54 -6.01
C VAL A 579 26.22 18.99 -6.06
N PHE A 580 27.52 19.17 -6.27
CA PHE A 580 28.13 20.50 -6.33
C PHE A 580 27.94 21.07 -7.73
N ASP A 581 27.32 22.24 -7.81
CA ASP A 581 26.87 22.83 -9.06
C ASP A 581 27.78 24.01 -9.41
N GLU A 582 28.97 23.68 -9.95
CA GLU A 582 30.00 24.67 -10.25
C GLU A 582 29.45 25.93 -10.90
N ASN A 583 28.56 25.77 -11.87
CA ASN A 583 27.98 26.87 -12.63
C ASN A 583 27.17 27.82 -11.77
N ARG A 584 27.05 27.52 -10.48
CA ARG A 584 26.55 28.48 -9.50
C ARG A 584 27.61 28.90 -8.51
N SER A 585 28.73 28.17 -8.41
CA SER A 585 29.84 28.59 -7.56
C SER A 585 30.35 29.95 -7.99
N TRP A 586 30.65 30.81 -7.00
CA TRP A 586 31.24 32.11 -7.29
C TRP A 586 32.45 31.96 -8.20
N TYR A 587 33.35 31.05 -7.84
CA TYR A 587 34.69 30.93 -8.40
C TYR A 587 34.70 30.34 -9.79
N LEU A 588 33.56 30.40 -10.49
CA LEU A 588 33.46 29.83 -11.82
C LEU A 588 34.34 30.59 -12.81
N THR A 589 34.14 31.91 -12.93
CA THR A 589 34.94 32.70 -13.85
C THR A 589 36.43 32.56 -13.54
N GLU A 590 36.79 32.65 -12.26
CA GLU A 590 38.15 32.42 -11.81
C GLU A 590 38.66 31.03 -12.20
N ASN A 591 37.79 30.14 -12.68
CA ASN A 591 38.16 28.81 -13.13
C ASN A 591 38.22 28.71 -14.65
N ILE A 592 37.20 29.23 -15.35
CA ILE A 592 37.25 29.30 -16.81
C ILE A 592 38.56 29.91 -17.28
N GLN A 593 38.81 31.15 -16.86
CA GLN A 593 39.98 31.89 -17.30
C GLN A 593 41.28 31.18 -16.94
N ARG A 594 41.25 30.22 -16.02
CA ARG A 594 42.45 29.50 -15.61
C ARG A 594 42.55 28.11 -16.23
N PHE A 595 41.43 27.47 -16.55
CA PHE A 595 41.43 26.09 -17.02
C PHE A 595 40.98 25.92 -18.46
N LEU A 596 40.75 27.01 -19.19
CA LEU A 596 40.22 26.79 -20.53
C LEU A 596 41.20 27.25 -21.59
N PRO A 597 41.33 26.50 -22.70
CA PRO A 597 42.31 26.85 -23.73
C PRO A 597 42.04 28.21 -24.34
N ASN A 598 40.84 28.74 -24.18
CA ASN A 598 40.59 30.15 -24.43
C ASN A 598 39.50 30.60 -23.47
N PRO A 599 39.81 31.50 -22.53
CA PRO A 599 38.76 32.11 -21.71
C PRO A 599 37.72 32.86 -22.52
N ALA A 600 37.95 33.08 -23.82
CA ALA A 600 36.91 33.61 -24.69
C ALA A 600 35.91 32.54 -25.11
N GLY A 601 36.24 31.25 -24.92
CA GLY A 601 35.34 30.16 -25.25
C GLY A 601 34.13 30.14 -24.34
N VAL A 602 33.45 31.28 -24.28
CA VAL A 602 32.36 31.51 -23.34
C VAL A 602 31.30 30.42 -23.47
N GLN A 603 30.61 30.40 -24.61
CA GLN A 603 29.40 29.59 -24.77
C GLN A 603 28.42 29.93 -23.67
N LEU A 604 28.68 29.41 -22.46
CA LEU A 604 27.85 29.54 -21.27
C LEU A 604 26.68 28.56 -21.32
N GLU A 605 25.47 29.04 -21.60
CA GLU A 605 24.25 28.26 -21.48
C GLU A 605 24.19 27.02 -22.35
N ASP A 606 25.29 26.68 -23.01
CA ASP A 606 25.42 25.39 -23.68
C ASP A 606 25.02 24.27 -22.72
N PRO A 607 23.96 23.51 -23.02
CA PRO A 607 23.58 22.42 -22.11
C PRO A 607 24.74 21.50 -21.76
N GLU A 608 25.50 21.07 -22.76
CA GLU A 608 26.65 20.21 -22.51
C GLU A 608 27.69 20.89 -21.63
N PHE A 609 27.85 22.20 -21.74
CA PHE A 609 28.80 22.90 -20.88
C PHE A 609 28.35 22.86 -19.43
N GLN A 610 27.18 23.44 -19.14
CA GLN A 610 26.67 23.46 -17.78
C GLN A 610 26.59 22.06 -17.20
N ALA A 611 26.00 21.13 -17.94
CA ALA A 611 25.85 19.76 -17.44
C ALA A 611 27.19 19.07 -17.21
N SER A 612 28.26 19.55 -17.83
CA SER A 612 29.57 18.95 -17.58
C SER A 612 30.23 19.51 -16.32
N ASN A 613 29.48 20.22 -15.47
CA ASN A 613 30.00 20.77 -14.23
C ASN A 613 29.25 20.34 -12.98
N ILE A 614 28.01 19.88 -13.12
CA ILE A 614 27.28 19.29 -11.99
C ILE A 614 28.02 18.03 -11.55
N MET A 615 29.11 18.20 -10.81
CA MET A 615 29.90 17.08 -10.32
C MET A 615 29.15 16.36 -9.21
N HIS A 616 28.97 15.04 -9.36
CA HIS A 616 28.14 14.23 -8.48
C HIS A 616 29.03 13.54 -7.45
N SER A 617 29.04 14.08 -6.23
CA SER A 617 30.07 13.76 -5.24
C SER A 617 29.51 12.97 -4.05
N ILE A 618 30.38 12.14 -3.48
CA ILE A 618 30.19 11.59 -2.14
C ILE A 618 31.26 12.18 -1.24
N ASN A 619 30.84 12.79 -0.13
CA ASN A 619 31.73 13.58 0.70
C ASN A 619 32.40 14.66 -0.14
N GLY A 620 33.44 14.29 -0.88
CA GLY A 620 34.08 15.24 -1.77
C GLY A 620 34.40 14.66 -3.13
N TYR A 621 34.56 13.34 -3.18
CA TYR A 621 35.09 12.67 -4.36
C TYR A 621 33.96 12.09 -5.20
N VAL A 622 34.33 11.67 -6.42
CA VAL A 622 33.41 11.07 -7.37
C VAL A 622 34.07 9.82 -7.95
N PHE A 623 33.28 9.07 -8.73
CA PHE A 623 33.73 7.88 -9.45
C PHE A 623 34.62 6.94 -8.64
N ASP A 624 34.01 6.13 -7.77
CA ASP A 624 34.74 5.08 -7.06
C ASP A 624 36.06 5.54 -6.48
N SER A 625 36.15 6.81 -6.09
CA SER A 625 37.40 7.35 -5.55
C SER A 625 37.44 7.34 -4.03
N LEU A 626 36.29 7.59 -3.39
CA LEU A 626 36.20 7.56 -1.92
C LEU A 626 36.25 6.11 -1.46
N GLN A 627 37.45 5.53 -1.49
CA GLN A 627 37.66 4.18 -0.98
C GLN A 627 37.92 4.28 0.51
N LEU A 628 37.02 3.75 1.31
CA LEU A 628 37.23 3.75 2.76
C LEU A 628 37.59 2.36 3.24
N SER A 629 38.28 2.32 4.37
CA SER A 629 38.88 1.09 4.88
C SER A 629 38.32 0.84 6.28
N VAL A 630 37.53 -0.22 6.40
CA VAL A 630 36.99 -0.65 7.69
C VAL A 630 37.30 -2.14 7.83
N CYS A 631 37.80 -2.52 9.01
CA CYS A 631 38.14 -3.92 9.25
C CYS A 631 36.87 -4.72 9.53
N LEU A 632 37.05 -6.02 9.74
CA LEU A 632 35.93 -6.89 10.04
C LEU A 632 35.44 -6.68 11.46
N HIS A 633 34.16 -6.99 11.67
CA HIS A 633 33.53 -7.00 12.99
C HIS A 633 33.56 -5.66 13.72
N GLU A 634 34.26 -4.67 13.17
CA GLU A 634 34.07 -3.31 13.65
C GLU A 634 32.59 -2.97 13.59
N VAL A 635 32.06 -2.44 14.69
CA VAL A 635 30.65 -2.12 14.79
C VAL A 635 30.55 -0.61 14.63
N ALA A 636 30.19 -0.16 13.43
CA ALA A 636 30.37 1.22 13.03
C ALA A 636 29.05 1.97 12.96
N TYR A 637 29.11 3.26 13.26
CA TYR A 637 28.04 4.20 12.98
C TYR A 637 28.32 4.92 11.66
N TRP A 638 27.26 5.32 10.98
CA TRP A 638 27.36 5.98 9.68
C TRP A 638 26.42 7.17 9.67
N TYR A 639 26.94 8.32 10.07
CA TYR A 639 26.25 9.60 9.95
C TYR A 639 26.21 10.01 8.49
N ILE A 640 25.03 9.98 7.88
CA ILE A 640 24.86 10.07 6.44
C ILE A 640 23.97 11.26 6.11
N LEU A 641 24.44 12.08 5.17
CA LEU A 641 23.78 13.31 4.76
C LEU A 641 23.50 13.31 3.27
N SER A 642 22.64 14.24 2.86
CA SER A 642 22.48 14.58 1.44
C SER A 642 22.23 16.08 1.36
N ILE A 643 23.29 16.83 1.07
CA ILE A 643 23.23 18.28 0.91
C ILE A 643 23.82 18.64 -0.45
N GLY A 644 23.19 19.60 -1.12
CA GLY A 644 23.63 20.06 -2.42
C GLY A 644 22.44 20.56 -3.20
N ALA A 645 22.60 20.64 -4.52
CA ALA A 645 21.45 20.88 -5.38
C ALA A 645 20.46 19.74 -5.17
N GLN A 646 20.68 18.64 -5.88
CA GLN A 646 19.94 17.39 -5.66
C GLN A 646 18.46 17.56 -5.95
N THR A 647 17.71 18.10 -4.97
CA THR A 647 16.28 18.38 -5.06
C THR A 647 15.43 17.13 -5.34
N ASP A 648 16.06 16.02 -5.75
CA ASP A 648 15.44 14.71 -5.69
C ASP A 648 15.63 14.14 -4.28
N PHE A 649 15.17 12.92 -4.08
CA PHE A 649 15.51 12.17 -2.88
C PHE A 649 16.39 10.99 -3.27
N LEU A 650 17.47 10.78 -2.53
CA LEU A 650 18.40 9.71 -2.84
C LEU A 650 17.98 8.44 -2.12
N SER A 651 18.11 7.32 -2.82
CA SER A 651 17.94 5.99 -2.23
C SER A 651 19.35 5.45 -2.04
N VAL A 652 19.92 5.70 -0.88
CA VAL A 652 21.30 5.28 -0.62
C VAL A 652 21.32 3.81 -0.27
N PHE A 653 22.41 3.14 -0.61
CA PHE A 653 22.56 1.74 -0.24
C PHE A 653 24.03 1.38 -0.15
N PHE A 654 24.41 0.75 0.95
CA PHE A 654 25.61 -0.06 0.96
C PHE A 654 25.31 -1.35 0.20
N SER A 655 26.36 -1.96 -0.34
CA SER A 655 26.16 -3.24 -1.01
C SER A 655 25.84 -4.31 0.01
N GLY A 656 26.41 -5.50 -0.12
CA GLY A 656 26.08 -6.63 0.74
C GLY A 656 26.03 -6.32 2.22
N TYR A 657 25.13 -5.43 2.61
CA TYR A 657 25.13 -4.91 3.97
C TYR A 657 23.75 -4.45 4.37
N THR A 658 23.63 -4.07 5.64
CA THR A 658 22.36 -3.96 6.32
C THR A 658 22.54 -3.14 7.58
N PHE A 659 21.86 -2.01 7.70
CA PHE A 659 22.06 -1.11 8.82
C PHE A 659 20.79 -1.09 9.66
N LYS A 660 20.95 -1.20 10.98
CA LYS A 660 19.82 -0.96 11.86
C LYS A 660 19.43 0.51 11.69
N HIS A 661 18.24 0.75 11.12
CA HIS A 661 17.78 2.12 10.98
C HIS A 661 16.96 2.51 12.20
N LYS A 662 15.72 2.95 12.01
CA LYS A 662 14.90 3.42 13.13
C LYS A 662 14.45 2.23 13.96
N MET A 663 15.41 1.69 14.73
CA MET A 663 15.25 0.56 15.64
C MET A 663 15.30 -0.77 14.87
N VAL A 664 14.82 -0.75 13.64
CA VAL A 664 14.55 -1.94 12.86
C VAL A 664 15.58 -2.04 11.74
N TYR A 665 15.82 -3.26 11.27
CA TYR A 665 16.77 -3.51 10.21
C TYR A 665 16.20 -3.17 8.84
N GLU A 666 17.08 -2.68 7.96
CA GLU A 666 16.69 -2.20 6.63
C GLU A 666 17.87 -2.37 5.68
N ASP A 667 17.65 -2.04 4.40
CA ASP A 667 18.73 -2.09 3.41
C ASP A 667 18.92 -0.81 2.63
N THR A 668 17.84 -0.11 2.27
CA THR A 668 17.94 1.14 1.54
C THR A 668 17.39 2.26 2.38
N LEU A 669 18.16 3.34 2.48
CA LEU A 669 17.83 4.48 3.31
C LEU A 669 17.49 5.66 2.42
N THR A 670 16.39 6.32 2.71
CA THR A 670 15.89 7.41 1.87
C THR A 670 16.18 8.73 2.55
N LEU A 671 17.13 9.48 2.00
CA LEU A 671 17.48 10.80 2.49
C LEU A 671 16.81 11.84 1.61
N PHE A 672 16.03 12.71 2.22
CA PHE A 672 15.53 13.85 1.47
C PHE A 672 16.61 14.92 1.42
N PRO A 673 16.59 15.80 0.41
CA PRO A 673 17.57 16.88 0.35
C PRO A 673 17.56 17.67 1.65
N PHE A 674 18.76 17.95 2.15
CA PHE A 674 18.94 18.58 3.46
C PHE A 674 18.26 17.76 4.56
N SER A 675 18.67 16.50 4.65
CA SER A 675 18.32 15.66 5.78
C SER A 675 19.47 14.72 6.06
N GLY A 676 19.68 14.45 7.34
CA GLY A 676 20.70 13.50 7.76
C GLY A 676 20.11 12.45 8.67
N GLU A 677 20.63 11.24 8.55
CA GLU A 677 20.20 10.12 9.37
C GLU A 677 21.42 9.35 9.87
N THR A 678 21.27 8.69 11.00
CA THR A 678 22.30 7.83 11.57
C THR A 678 21.90 6.38 11.44
N VAL A 679 22.80 5.57 10.89
CA VAL A 679 22.54 4.15 10.70
C VAL A 679 23.69 3.35 11.30
N PHE A 680 23.33 2.19 11.83
CA PHE A 680 24.20 1.34 12.64
C PHE A 680 24.34 0.00 11.94
N MET A 681 25.40 -0.18 11.18
CA MET A 681 25.66 -1.49 10.59
C MET A 681 26.77 -2.19 11.34
N SER A 682 26.58 -3.48 11.58
CA SER A 682 27.60 -4.34 12.15
C SER A 682 28.32 -5.01 10.98
N MET A 683 29.45 -4.43 10.59
CA MET A 683 30.17 -4.87 9.41
C MET A 683 30.76 -6.26 9.54
N GLU A 684 29.96 -7.29 9.22
CA GLU A 684 30.42 -8.66 9.36
C GLU A 684 30.35 -9.39 8.03
N ASN A 685 30.97 -8.80 7.00
CA ASN A 685 30.86 -9.36 5.67
C ASN A 685 32.03 -8.83 4.85
N PRO A 686 32.95 -9.69 4.38
CA PRO A 686 34.20 -9.20 3.77
C PRO A 686 34.00 -8.59 2.39
N GLY A 687 35.08 -8.51 1.63
CA GLY A 687 34.98 -8.11 0.24
C GLY A 687 35.02 -6.62 0.00
N LEU A 688 34.88 -6.26 -1.27
CA LEU A 688 34.87 -4.88 -1.72
C LEU A 688 33.49 -4.54 -2.27
N TRP A 689 32.89 -3.48 -1.76
CA TRP A 689 31.50 -3.16 -2.03
C TRP A 689 31.40 -1.70 -2.48
N ILE A 690 30.22 -1.32 -2.95
CA ILE A 690 29.99 0.02 -3.48
C ILE A 690 28.94 0.73 -2.64
N LEU A 691 29.12 2.04 -2.46
CA LEU A 691 28.28 2.86 -1.59
C LEU A 691 27.43 3.79 -2.46
N GLY A 692 26.50 3.20 -3.20
CA GLY A 692 25.84 3.87 -4.30
C GLY A 692 24.57 4.62 -3.93
N CYS A 693 23.76 4.87 -4.96
CA CYS A 693 22.62 5.78 -4.84
C CYS A 693 21.36 5.30 -5.57
N HIS A 694 21.40 4.19 -6.31
CA HIS A 694 20.23 3.61 -6.97
C HIS A 694 19.74 4.42 -8.16
N ASN A 695 19.66 5.75 -8.01
CA ASN A 695 18.93 6.57 -8.97
C ASN A 695 19.61 6.69 -10.33
N SER A 696 20.43 5.69 -10.69
CA SER A 696 20.88 5.46 -12.06
C SER A 696 21.51 6.69 -12.71
N ASP A 697 20.74 7.78 -12.81
CA ASP A 697 21.22 9.05 -13.31
C ASP A 697 22.18 9.70 -12.32
N PHE A 698 22.76 8.90 -11.42
CA PHE A 698 23.70 9.39 -10.43
C PHE A 698 24.94 8.51 -10.39
N ARG A 699 24.77 7.27 -9.97
CA ARG A 699 25.87 6.31 -9.95
C ARG A 699 26.52 6.16 -11.32
N ASN A 700 25.77 6.43 -12.40
CA ASN A 700 26.34 6.44 -13.74
C ASN A 700 27.13 7.71 -14.04
N ARG A 701 27.15 8.66 -13.11
CA ARG A 701 27.87 9.91 -13.29
C ARG A 701 29.02 10.10 -12.30
N GLY A 702 29.22 9.16 -11.37
CA GLY A 702 30.32 9.25 -10.43
C GLY A 702 30.01 8.81 -9.01
N MET A 703 28.85 9.22 -8.49
CA MET A 703 28.44 8.99 -7.11
C MET A 703 28.50 7.52 -6.71
N THR A 704 29.64 7.06 -6.17
CA THR A 704 29.80 5.63 -5.98
C THR A 704 30.56 5.22 -4.72
N ALA A 705 31.88 5.42 -4.71
CA ALA A 705 32.75 5.04 -3.58
C ALA A 705 32.79 3.53 -3.35
N LEU A 706 33.76 3.06 -2.56
CA LEU A 706 33.98 1.65 -2.29
C LEU A 706 34.07 1.42 -0.78
N LEU A 707 33.73 0.19 -0.36
CA LEU A 707 33.69 -0.13 1.07
C LEU A 707 34.91 -0.92 1.54
N LYS A 708 35.30 -1.97 0.82
CA LYS A 708 36.52 -2.71 1.09
C LYS A 708 36.65 -3.13 2.55
N VAL A 709 36.04 -4.25 2.93
CA VAL A 709 36.09 -4.68 4.33
C VAL A 709 37.41 -5.42 4.59
N SER A 710 37.34 -6.73 4.85
CA SER A 710 38.48 -7.55 5.20
C SER A 710 39.06 -7.20 6.57
N SER A 711 39.99 -8.01 7.08
CA SER A 711 40.44 -7.91 8.46
C SER A 711 41.77 -7.16 8.57
N CYS A 712 42.24 -7.05 9.81
CA CYS A 712 43.47 -6.32 10.12
C CYS A 712 43.99 -6.68 11.51
N LYS A 873 19.21 -25.58 12.58
CA LYS A 873 20.18 -26.54 12.07
C LYS A 873 19.85 -26.95 10.63
N LYS A 874 18.66 -26.57 10.17
CA LYS A 874 18.18 -26.96 8.85
C LYS A 874 19.04 -26.32 7.76
N THR A 875 18.65 -26.56 6.50
CA THR A 875 19.36 -26.01 5.33
C THR A 875 18.33 -25.92 4.19
N ARG A 876 17.45 -24.92 4.30
CA ARG A 876 16.47 -24.66 3.25
C ARG A 876 17.17 -24.51 1.90
N HIS A 877 16.55 -25.08 0.86
CA HIS A 877 17.21 -25.30 -0.41
C HIS A 877 16.25 -24.95 -1.53
N TYR A 878 16.60 -23.95 -2.34
CA TYR A 878 15.74 -23.48 -3.42
C TYR A 878 16.45 -23.64 -4.75
N PHE A 879 15.66 -23.95 -5.78
CA PHE A 879 16.15 -24.08 -7.15
C PHE A 879 15.41 -23.07 -8.01
N ILE A 880 16.04 -21.94 -8.29
CA ILE A 880 15.45 -20.87 -9.10
C ILE A 880 16.31 -20.68 -10.34
N ALA A 881 15.64 -20.50 -11.49
CA ALA A 881 16.31 -20.20 -12.75
C ALA A 881 15.62 -19.02 -13.42
N ALA A 882 16.38 -18.28 -14.23
CA ALA A 882 15.92 -17.05 -14.86
C ALA A 882 15.45 -17.37 -16.28
N VAL A 883 14.13 -17.48 -16.46
CA VAL A 883 13.54 -17.91 -17.71
C VAL A 883 13.04 -16.71 -18.49
N GLU A 884 13.30 -16.69 -19.80
CA GLU A 884 12.72 -15.71 -20.70
C GLU A 884 11.30 -16.11 -21.03
N ARG A 885 10.34 -15.26 -20.67
CA ARG A 885 8.93 -15.56 -20.84
C ARG A 885 8.24 -14.36 -21.48
N LEU A 886 7.05 -14.58 -22.01
CA LEU A 886 6.30 -13.50 -22.64
C LEU A 886 5.11 -13.09 -21.79
N TRP A 887 4.77 -11.80 -21.88
CA TRP A 887 3.83 -11.15 -20.99
C TRP A 887 2.83 -10.34 -21.80
N ASP A 888 1.95 -9.62 -21.12
CA ASP A 888 0.86 -8.88 -21.74
C ASP A 888 0.06 -8.10 -20.71
N TYR A 889 0.36 -8.29 -19.44
CA TYR A 889 -0.29 -7.60 -18.32
C TYR A 889 -1.81 -7.77 -18.33
N GLY A 890 -2.50 -7.01 -19.18
CA GLY A 890 -3.94 -7.00 -19.15
C GLY A 890 -4.62 -7.27 -20.48
N MET A 891 -4.90 -8.54 -20.77
CA MET A 891 -5.60 -8.94 -21.98
C MET A 891 -7.06 -9.28 -21.76
N SER A 892 -7.44 -9.66 -20.54
CA SER A 892 -8.79 -10.15 -20.26
C SER A 892 -9.83 -9.05 -20.39
N VAL A 907 -3.58 -7.09 -29.19
CA VAL A 907 -3.06 -6.85 -27.84
C VAL A 907 -1.55 -7.01 -27.82
N PRO A 908 -0.84 -5.95 -27.42
CA PRO A 908 0.63 -5.98 -27.48
C PRO A 908 1.20 -6.93 -26.45
N GLN A 909 2.18 -7.72 -26.89
CA GLN A 909 2.85 -8.68 -26.02
C GLN A 909 4.34 -8.44 -26.02
N PHE A 910 4.94 -8.49 -24.83
CA PHE A 910 6.31 -8.09 -24.59
C PHE A 910 7.11 -9.28 -24.07
N LYS A 911 8.36 -9.37 -24.50
CA LYS A 911 9.27 -10.42 -24.01
C LYS A 911 9.99 -9.88 -22.78
N LYS A 912 9.70 -10.48 -21.63
CA LYS A 912 10.34 -10.14 -20.37
C LYS A 912 11.23 -11.31 -19.92
N VAL A 913 11.72 -11.23 -18.68
CA VAL A 913 12.48 -12.31 -18.08
C VAL A 913 12.20 -12.31 -16.58
N VAL A 914 11.93 -13.48 -16.02
CA VAL A 914 11.56 -13.62 -14.61
C VAL A 914 12.36 -14.77 -13.99
N PHE A 915 12.38 -14.77 -12.66
CA PHE A 915 12.81 -15.95 -11.91
C PHE A 915 11.68 -16.96 -11.89
N GLN A 916 12.05 -18.24 -11.88
CA GLN A 916 11.08 -19.33 -11.87
C GLN A 916 11.62 -20.46 -11.00
N GLU A 917 10.79 -20.97 -10.11
CA GLU A 917 11.22 -22.00 -9.16
C GLU A 917 11.14 -23.37 -9.82
N PHE A 918 12.26 -24.09 -9.85
CA PHE A 918 12.33 -25.39 -10.49
C PHE A 918 12.58 -26.48 -9.44
N THR A 919 12.84 -27.70 -9.91
CA THR A 919 12.98 -28.85 -9.03
C THR A 919 14.33 -29.54 -9.15
N ASP A 920 14.43 -30.48 -10.09
CA ASP A 920 15.66 -31.24 -10.27
C ASP A 920 16.84 -30.31 -10.55
N GLY A 921 18.03 -30.75 -10.13
CA GLY A 921 19.24 -30.09 -10.59
C GLY A 921 19.30 -30.02 -12.10
N SER A 922 18.81 -31.07 -12.77
CA SER A 922 18.45 -30.97 -14.17
C SER A 922 17.18 -30.14 -14.26
N PHE A 923 17.34 -28.83 -14.44
CA PHE A 923 16.20 -27.91 -14.48
C PHE A 923 15.21 -28.35 -15.54
N THR A 924 14.41 -29.37 -15.20
CA THR A 924 13.47 -29.98 -16.13
C THR A 924 12.06 -29.56 -15.77
N GLN A 925 11.50 -30.19 -14.74
CA GLN A 925 10.18 -29.82 -14.27
C GLN A 925 10.19 -28.38 -13.75
N PRO A 926 9.27 -27.53 -14.20
CA PRO A 926 9.29 -26.11 -13.79
C PRO A 926 8.54 -25.78 -12.51
N LEU A 927 8.17 -26.78 -11.69
CA LEU A 927 7.36 -26.59 -10.48
C LEU A 927 6.25 -25.57 -10.70
N TYR A 928 5.16 -26.00 -11.33
CA TYR A 928 4.02 -25.11 -11.51
C TYR A 928 3.48 -24.68 -10.14
N ARG A 929 3.03 -23.43 -10.08
CA ARG A 929 2.43 -22.89 -8.87
C ARG A 929 0.94 -22.64 -9.11
N GLY A 930 0.18 -22.64 -8.03
CA GLY A 930 -1.24 -22.41 -8.15
C GLY A 930 -1.85 -22.00 -6.83
N GLU A 931 -3.08 -21.48 -6.93
CA GLU A 931 -3.92 -21.19 -5.78
C GLU A 931 -3.27 -20.18 -4.84
N LEU A 932 -2.15 -20.58 -4.24
CA LEU A 932 -1.47 -19.73 -3.26
C LEU A 932 -0.56 -18.72 -3.95
N ASN A 933 0.16 -19.14 -4.99
CA ASN A 933 1.16 -18.32 -5.65
C ASN A 933 0.69 -17.75 -6.97
N GLU A 934 -0.61 -17.55 -7.14
CA GLU A 934 -1.18 -16.97 -8.34
C GLU A 934 -1.27 -15.46 -8.27
N HIS A 935 -0.64 -14.85 -7.28
CA HIS A 935 -0.55 -13.40 -7.17
C HIS A 935 0.81 -12.86 -7.56
N LEU A 936 1.83 -13.72 -7.61
CA LEU A 936 3.16 -13.28 -8.03
C LEU A 936 3.15 -12.94 -9.52
N GLY A 937 2.82 -13.91 -10.37
CA GLY A 937 2.91 -13.76 -11.80
C GLY A 937 4.30 -13.29 -12.21
N LEU A 938 4.53 -11.99 -12.09
CA LEU A 938 5.84 -11.44 -12.39
C LEU A 938 6.85 -11.84 -11.34
N LEU A 939 6.43 -11.82 -10.09
CA LEU A 939 7.36 -11.99 -8.98
C LEU A 939 7.94 -13.39 -8.98
N GLY A 940 9.24 -13.49 -8.70
CA GLY A 940 9.86 -14.76 -8.49
C GLY A 940 9.25 -15.46 -7.28
N PRO A 941 9.73 -16.65 -6.96
CA PRO A 941 9.09 -17.45 -5.91
C PRO A 941 9.53 -17.05 -4.51
N TYR A 942 8.58 -17.05 -3.58
CA TYR A 942 8.91 -16.90 -2.17
C TYR A 942 10.06 -17.81 -1.80
N ILE A 943 11.08 -17.25 -1.16
CA ILE A 943 12.26 -17.99 -0.76
C ILE A 943 12.45 -17.73 0.74
N ARG A 944 11.79 -18.54 1.56
CA ARG A 944 11.67 -18.36 2.99
C ARG A 944 12.82 -19.03 3.73
N ALA A 945 12.95 -18.67 5.02
CA ALA A 945 14.03 -19.18 5.86
C ALA A 945 13.77 -18.77 7.30
N GLU A 946 14.10 -19.66 8.22
CA GLU A 946 14.15 -19.30 9.62
C GLU A 946 15.54 -18.80 9.96
N VAL A 947 15.62 -18.00 11.01
CA VAL A 947 16.91 -17.45 11.41
C VAL A 947 17.79 -18.58 11.94
N GLU A 948 19.06 -18.55 11.54
CA GLU A 948 20.12 -19.43 12.01
C GLU A 948 20.01 -20.84 11.45
N ASP A 949 19.38 -21.00 10.29
CA ASP A 949 19.64 -22.13 9.41
C ASP A 949 20.29 -21.59 8.12
N ASN A 950 20.16 -22.32 7.01
CA ASN A 950 20.97 -22.01 5.84
C ASN A 950 20.11 -21.88 4.59
N ILE A 951 20.27 -20.77 3.89
CA ILE A 951 19.72 -20.60 2.56
C ILE A 951 20.75 -21.10 1.56
N MET A 952 20.30 -21.91 0.60
CA MET A 952 21.09 -22.23 -0.58
C MET A 952 20.20 -22.12 -1.80
N VAL A 953 20.54 -21.19 -2.69
CA VAL A 953 19.82 -21.00 -3.94
C VAL A 953 20.76 -21.43 -5.07
N THR A 954 20.38 -22.49 -5.77
CA THR A 954 21.11 -22.91 -6.95
C THR A 954 20.48 -22.22 -8.15
N PHE A 955 21.16 -21.20 -8.67
CA PHE A 955 20.64 -20.31 -9.69
C PHE A 955 21.21 -20.73 -11.04
N ARG A 956 20.34 -21.01 -12.00
CA ARG A 956 20.77 -21.26 -13.36
C ARG A 956 20.17 -20.21 -14.29
N ASN A 957 20.94 -19.87 -15.32
CA ASN A 957 20.58 -18.79 -16.24
C ASN A 957 20.08 -19.42 -17.54
N GLN A 958 18.76 -19.42 -17.72
CA GLN A 958 18.24 -19.56 -19.07
C GLN A 958 18.39 -18.20 -19.74
N ALA A 959 17.45 -17.80 -20.59
CA ALA A 959 17.43 -16.45 -21.15
C ALA A 959 18.68 -16.11 -21.97
N SER A 960 18.68 -14.92 -22.57
CA SER A 960 19.81 -14.46 -23.37
C SER A 960 20.94 -14.02 -22.45
N ARG A 961 21.26 -12.73 -22.48
CA ARG A 961 22.22 -12.01 -21.63
C ARG A 961 22.45 -12.62 -20.27
N PRO A 962 23.66 -12.53 -19.73
CA PRO A 962 23.90 -13.00 -18.36
C PRO A 962 23.09 -12.20 -17.35
N TYR A 963 22.89 -12.80 -16.18
CA TYR A 963 22.15 -12.16 -15.10
C TYR A 963 22.81 -12.57 -13.79
N SER A 964 22.09 -12.45 -12.67
CA SER A 964 22.65 -12.81 -11.37
C SER A 964 21.52 -12.89 -10.35
N PHE A 965 21.91 -13.15 -9.10
CA PHE A 965 20.98 -13.28 -7.96
C PHE A 965 21.71 -12.68 -6.76
N TYR A 966 21.34 -11.45 -6.39
CA TYR A 966 21.94 -10.75 -5.27
C TYR A 966 20.81 -10.36 -4.31
N SER A 967 20.95 -10.73 -3.04
CA SER A 967 19.94 -10.42 -2.05
C SER A 967 20.44 -9.46 -0.97
N SER A 968 21.66 -8.95 -1.10
CA SER A 968 22.28 -8.08 -0.10
C SER A 968 22.53 -8.82 1.21
N LEU A 969 21.99 -10.04 1.33
CA LEU A 969 22.17 -10.87 2.50
C LEU A 969 23.26 -11.92 2.30
N ILE A 970 23.52 -12.29 1.05
CA ILE A 970 24.55 -13.26 0.66
C ILE A 970 25.86 -13.04 1.40
N SER A 971 25.93 -13.50 2.66
CA SER A 971 27.06 -13.23 3.54
C SER A 971 28.21 -14.16 3.21
N TYR A 972 29.20 -13.65 2.46
CA TYR A 972 30.27 -14.46 1.90
C TYR A 972 31.27 -14.87 2.98
N GLU A 973 32.42 -15.39 2.54
CA GLU A 973 33.49 -15.80 3.43
C GLU A 973 34.81 -15.25 2.91
N GLU A 974 35.69 -14.87 3.83
CA GLU A 974 36.83 -13.98 3.63
C GLU A 974 37.76 -14.36 2.49
N ASP A 975 38.98 -14.81 2.82
CA ASP A 975 39.97 -15.25 1.86
C ASP A 975 40.22 -14.25 0.73
N PRO A 982 36.96 -7.92 -6.08
CA PRO A 982 35.68 -7.24 -6.27
C PRO A 982 34.47 -8.17 -6.12
N ARG A 983 34.73 -9.47 -5.94
CA ARG A 983 33.70 -10.50 -5.84
C ARG A 983 32.83 -10.53 -7.10
N LYS A 984 33.25 -11.30 -8.09
CA LYS A 984 32.48 -11.40 -9.33
C LYS A 984 31.07 -11.90 -9.03
N ASN A 985 30.11 -11.43 -9.81
CA ASN A 985 28.76 -11.97 -9.76
C ASN A 985 28.19 -11.93 -11.17
N PHE A 986 28.84 -12.68 -12.06
CA PHE A 986 28.41 -12.85 -13.44
C PHE A 986 27.87 -14.27 -13.60
N VAL A 987 26.79 -14.40 -14.36
CA VAL A 987 26.22 -15.70 -14.67
C VAL A 987 25.93 -15.76 -16.16
N LYS A 988 26.95 -16.10 -16.95
CA LYS A 988 26.77 -16.24 -18.38
C LYS A 988 25.68 -17.28 -18.67
N PRO A 989 24.98 -17.16 -19.81
CA PRO A 989 23.85 -18.06 -20.09
C PRO A 989 24.23 -19.54 -20.00
N ASN A 990 23.22 -20.39 -19.78
CA ASN A 990 23.39 -21.84 -19.59
C ASN A 990 24.30 -22.18 -18.41
N GLU A 991 24.73 -21.20 -17.63
CA GLU A 991 25.62 -21.44 -16.50
C GLU A 991 24.86 -21.40 -15.19
N THR A 992 25.47 -21.95 -14.15
CA THR A 992 24.81 -22.16 -12.86
C THR A 992 25.73 -21.69 -11.74
N LYS A 993 25.15 -20.98 -10.77
CA LYS A 993 25.86 -20.47 -9.60
C LYS A 993 25.25 -21.03 -8.32
N THR A 994 26.07 -21.08 -7.28
CA THR A 994 25.64 -21.53 -5.96
C THR A 994 25.89 -20.42 -4.95
N TYR A 995 24.81 -19.84 -4.44
CA TYR A 995 24.85 -18.93 -3.30
C TYR A 995 24.48 -19.72 -2.05
N PHE A 996 25.34 -19.67 -1.04
CA PHE A 996 25.12 -20.41 0.20
C PHE A 996 25.58 -19.59 1.38
N TRP A 997 24.68 -19.35 2.34
CA TRP A 997 25.03 -18.51 3.47
C TRP A 997 24.12 -18.83 4.65
N LYS A 998 24.64 -18.57 5.85
CA LYS A 998 23.86 -18.69 7.07
C LYS A 998 23.06 -17.42 7.30
N VAL A 999 21.75 -17.56 7.48
CA VAL A 999 20.88 -16.42 7.72
C VAL A 999 21.02 -15.99 9.18
N GLN A 1000 21.51 -14.77 9.40
CA GLN A 1000 21.87 -14.27 10.71
C GLN A 1000 20.74 -13.44 11.30
N HIS A 1001 21.00 -12.80 12.45
CA HIS A 1001 20.02 -11.93 13.09
C HIS A 1001 19.92 -10.58 12.39
N HIS A 1002 21.05 -10.02 11.96
CA HIS A 1002 21.00 -8.78 11.20
C HIS A 1002 20.38 -9.02 9.82
N MET A 1003 19.40 -9.94 9.80
CA MET A 1003 18.51 -10.23 8.69
C MET A 1003 17.11 -10.47 9.23
N ALA A 1004 17.02 -11.26 10.32
CA ALA A 1004 15.75 -11.69 10.87
C ALA A 1004 14.98 -10.51 11.46
N PRO A 1005 13.69 -10.73 11.81
CA PRO A 1005 12.96 -9.70 12.56
C PRO A 1005 13.51 -9.45 13.95
N THR A 1006 12.65 -8.94 14.83
CA THR A 1006 13.10 -8.32 16.07
C THR A 1006 11.91 -8.27 17.02
N LYS A 1007 11.98 -9.04 18.12
CA LYS A 1007 10.87 -9.28 19.05
C LYS A 1007 9.62 -8.44 18.79
N ASP A 1008 9.80 -7.13 18.72
CA ASP A 1008 8.70 -6.19 18.48
C ASP A 1008 8.17 -6.24 17.06
N GLU A 1009 8.89 -6.87 16.13
CA GLU A 1009 8.50 -6.92 14.73
C GLU A 1009 7.34 -7.90 14.52
N PHE A 1010 7.28 -8.51 13.34
CA PHE A 1010 6.30 -9.55 13.03
C PHE A 1010 7.01 -10.90 12.94
N ASP A 1011 6.20 -11.97 12.92
CA ASP A 1011 6.74 -13.32 12.89
C ASP A 1011 7.58 -13.56 11.63
N CYS A 1012 7.62 -12.58 10.73
CA CYS A 1012 8.46 -12.68 9.55
C CYS A 1012 8.69 -11.27 9.01
N LYS A 1013 9.65 -11.17 8.09
CA LYS A 1013 10.02 -9.90 7.48
C LYS A 1013 10.49 -10.19 6.07
N ALA A 1014 10.31 -9.23 5.18
CA ALA A 1014 10.58 -9.42 3.75
C ALA A 1014 11.82 -8.64 3.33
N TRP A 1015 12.72 -9.32 2.62
CA TRP A 1015 13.80 -8.65 1.92
C TRP A 1015 13.46 -8.63 0.44
N ALA A 1016 14.48 -8.57 -0.42
CA ALA A 1016 14.22 -8.70 -1.84
C ALA A 1016 15.48 -9.20 -2.54
N TYR A 1017 15.28 -9.79 -3.71
CA TYR A 1017 16.37 -10.26 -4.54
C TYR A 1017 16.08 -9.94 -6.00
N PHE A 1018 17.15 -9.70 -6.74
CA PHE A 1018 17.08 -9.50 -8.18
C PHE A 1018 18.49 -9.75 -8.73
N SER A 1019 18.73 -9.32 -9.96
CA SER A 1019 20.05 -9.47 -10.57
C SER A 1019 20.81 -8.16 -10.48
N ASP A 1020 22.10 -8.25 -10.12
CA ASP A 1020 22.92 -7.06 -9.95
C ASP A 1020 24.00 -6.95 -11.01
N VAL A 1021 23.60 -6.99 -12.29
CA VAL A 1021 24.52 -6.67 -13.37
C VAL A 1021 24.19 -5.27 -13.88
N ASP A 1022 22.90 -4.91 -13.81
CA ASP A 1022 22.50 -3.54 -14.15
C ASP A 1022 21.43 -3.01 -13.19
N LEU A 1023 21.31 -3.59 -11.99
CA LEU A 1023 20.59 -2.99 -10.87
C LEU A 1023 19.14 -2.63 -11.17
N GLU A 1024 18.88 -2.04 -12.33
CA GLU A 1024 17.54 -1.57 -12.70
C GLU A 1024 17.19 -1.77 -14.18
N LYS A 1025 18.16 -1.76 -15.10
CA LYS A 1025 17.85 -2.07 -16.50
C LYS A 1025 17.36 -3.49 -16.66
N ASP A 1026 17.86 -4.42 -15.84
CA ASP A 1026 17.34 -5.79 -15.81
C ASP A 1026 16.39 -6.00 -14.64
N VAL A 1027 15.45 -5.07 -14.49
CA VAL A 1027 14.37 -5.20 -13.51
C VAL A 1027 13.09 -4.71 -14.20
N HIS A 1028 13.20 -3.65 -15.00
CA HIS A 1028 12.11 -3.33 -15.92
C HIS A 1028 11.85 -4.49 -16.87
N SER A 1029 12.89 -5.28 -17.13
CA SER A 1029 12.70 -6.60 -17.74
C SER A 1029 11.69 -7.41 -16.93
N GLY A 1030 12.02 -7.70 -15.67
CA GLY A 1030 11.08 -8.38 -14.80
C GLY A 1030 11.67 -9.15 -13.63
N LEU A 1031 13.00 -9.21 -13.55
CA LEU A 1031 13.69 -9.99 -12.52
C LEU A 1031 13.52 -9.35 -11.15
N ILE A 1032 12.59 -9.88 -10.36
CA ILE A 1032 12.28 -9.34 -9.04
C ILE A 1032 11.65 -10.47 -8.23
N GLY A 1033 11.74 -10.38 -6.90
CA GLY A 1033 11.14 -11.40 -6.07
C GLY A 1033 11.29 -11.17 -4.58
N PRO A 1034 10.38 -11.76 -3.78
CA PRO A 1034 10.42 -11.56 -2.32
C PRO A 1034 11.14 -12.67 -1.57
N LEU A 1035 11.89 -12.28 -0.54
CA LEU A 1035 12.67 -13.20 0.27
C LEU A 1035 12.30 -12.99 1.72
N LEU A 1036 11.75 -14.02 2.35
CA LEU A 1036 11.29 -13.90 3.73
C LEU A 1036 12.33 -14.45 4.69
N VAL A 1037 12.33 -13.92 5.91
CA VAL A 1037 13.16 -14.45 6.97
C VAL A 1037 12.31 -14.45 8.24
N CYS A 1038 11.78 -15.63 8.58
CA CYS A 1038 10.84 -15.71 9.69
C CYS A 1038 11.60 -15.95 11.00
N HIS A 1039 10.88 -15.80 12.11
CA HIS A 1039 11.42 -16.07 13.44
C HIS A 1039 11.89 -17.51 13.60
N THR A 1040 12.21 -17.91 14.83
CA THR A 1040 13.02 -19.10 15.04
C THR A 1040 12.23 -20.41 15.09
N ASN A 1041 10.91 -20.36 15.34
CA ASN A 1041 10.13 -21.58 15.23
C ASN A 1041 8.72 -21.18 14.78
N THR A 1042 8.64 -20.69 13.57
CA THR A 1042 7.39 -20.27 12.98
C THR A 1042 7.16 -20.87 11.60
N LEU A 1043 8.21 -21.05 10.81
CA LEU A 1043 8.08 -21.79 9.56
C LEU A 1043 7.70 -23.24 9.87
N ASN A 1044 6.52 -23.64 9.40
CA ASN A 1044 5.85 -24.84 9.90
C ASN A 1044 6.39 -26.09 9.19
N PRO A 1045 5.61 -27.19 9.01
CA PRO A 1045 6.22 -28.52 9.15
C PRO A 1045 7.07 -28.89 7.95
N ALA A 1046 6.50 -29.68 7.05
CA ALA A 1046 7.03 -29.86 5.71
C ALA A 1046 6.43 -28.88 4.72
N HIS A 1047 5.42 -28.10 5.13
CA HIS A 1047 4.88 -27.05 4.27
C HIS A 1047 5.92 -25.98 3.96
N GLY A 1048 6.81 -25.69 4.90
CA GLY A 1048 7.77 -24.62 4.69
C GLY A 1048 7.13 -23.27 4.50
N ARG A 1049 5.90 -23.10 4.95
CA ARG A 1049 5.15 -21.85 4.97
C ARG A 1049 4.94 -21.49 6.45
N GLN A 1050 3.91 -20.71 6.75
CA GLN A 1050 3.54 -20.51 8.15
C GLN A 1050 2.12 -20.93 8.49
N VAL A 1051 1.25 -21.09 7.49
CA VAL A 1051 -0.09 -21.67 7.60
C VAL A 1051 -0.98 -20.98 8.64
N THR A 1052 -0.36 -20.36 9.65
CA THR A 1052 -1.14 -19.66 10.68
C THR A 1052 -1.86 -18.46 10.10
N VAL A 1053 -1.34 -17.88 9.02
CA VAL A 1053 -1.74 -16.57 8.56
C VAL A 1053 -1.39 -16.46 7.08
N GLN A 1054 -2.31 -15.90 6.29
CA GLN A 1054 -2.10 -15.79 4.85
C GLN A 1054 -1.15 -14.64 4.55
N GLU A 1055 0.03 -14.98 4.05
CA GLU A 1055 0.98 -13.98 3.58
C GLU A 1055 0.79 -13.74 2.08
N PHE A 1056 1.18 -12.53 1.64
CA PHE A 1056 0.99 -12.11 0.27
C PHE A 1056 2.23 -11.32 -0.16
N ALA A 1057 2.12 -10.58 -1.26
CA ALA A 1057 3.21 -9.77 -1.77
C ALA A 1057 2.73 -8.89 -2.91
N LEU A 1058 2.71 -7.58 -2.69
CA LEU A 1058 2.35 -6.62 -3.72
C LEU A 1058 3.57 -5.79 -4.06
N PHE A 1059 3.98 -5.84 -5.33
CA PHE A 1059 5.18 -5.17 -5.80
C PHE A 1059 4.76 -4.07 -6.77
N PHE A 1060 4.68 -2.83 -6.26
CA PHE A 1060 4.28 -1.70 -7.08
C PHE A 1060 5.50 -1.10 -7.75
N THR A 1061 5.40 -0.93 -9.06
CA THR A 1061 6.41 -0.17 -9.79
C THR A 1061 5.72 0.64 -10.86
N ILE A 1062 6.42 0.86 -11.98
CA ILE A 1062 5.85 1.50 -13.15
C ILE A 1062 6.70 1.09 -14.34
N PHE A 1063 6.53 -0.16 -14.77
CA PHE A 1063 7.41 -0.80 -15.76
C PHE A 1063 7.53 0.06 -17.01
N ASP A 1064 8.78 0.34 -17.40
CA ASP A 1064 9.11 1.12 -18.58
C ASP A 1064 9.77 0.16 -19.58
N GLU A 1065 8.97 -0.33 -20.54
CA GLU A 1065 9.48 -1.36 -21.44
C GLU A 1065 10.55 -0.81 -22.38
N THR A 1066 10.43 0.45 -22.79
CA THR A 1066 11.44 1.09 -23.62
C THR A 1066 12.85 0.98 -23.04
N LYS A 1067 12.96 0.72 -21.74
CA LYS A 1067 14.23 0.58 -21.04
C LYS A 1067 14.71 -0.87 -20.97
N SER A 1068 13.90 -1.84 -21.38
CA SER A 1068 14.21 -3.24 -21.17
C SER A 1068 15.49 -3.64 -21.89
N TRP A 1069 16.01 -4.82 -21.53
CA TRP A 1069 17.02 -5.47 -22.34
C TRP A 1069 16.47 -5.88 -23.70
N TYR A 1070 15.15 -5.89 -23.87
CA TYR A 1070 14.50 -6.48 -25.03
C TYR A 1070 13.69 -5.47 -25.83
N PHE A 1071 13.98 -4.17 -25.69
CA PHE A 1071 13.23 -3.19 -26.48
C PHE A 1071 13.55 -3.31 -27.97
N THR A 1072 14.74 -3.77 -28.30
CA THR A 1072 15.03 -4.19 -29.67
C THR A 1072 14.07 -5.31 -30.06
N GLU A 1073 14.25 -6.48 -29.43
CA GLU A 1073 13.42 -7.63 -29.73
C GLU A 1073 11.92 -7.32 -29.67
N ASN A 1074 11.51 -6.50 -28.71
CA ASN A 1074 10.09 -6.14 -28.61
C ASN A 1074 9.69 -5.18 -29.73
N MET A 1075 10.42 -5.22 -30.84
CA MET A 1075 9.94 -4.75 -32.14
C MET A 1075 9.27 -5.87 -32.93
N GLU A 1076 8.79 -6.91 -32.23
CA GLU A 1076 7.74 -7.80 -32.71
C GLU A 1076 6.37 -7.16 -32.58
N ARG A 1077 6.33 -5.84 -32.47
CA ARG A 1077 5.11 -5.08 -32.28
C ARG A 1077 5.44 -3.60 -32.47
N GLU A 1088 9.68 6.61 -32.31
CA GLU A 1088 9.77 8.03 -32.59
C GLU A 1088 9.52 8.89 -31.34
N ASP A 1089 9.57 8.24 -30.17
CA ASP A 1089 9.29 8.74 -28.82
C ASP A 1089 8.61 10.10 -28.73
N PRO A 1090 7.30 10.19 -29.06
CA PRO A 1090 6.52 11.38 -28.70
C PRO A 1090 5.60 11.10 -27.52
N THR A 1091 4.37 10.73 -27.82
CA THR A 1091 3.43 10.20 -26.84
C THR A 1091 3.13 8.72 -27.08
N PHE A 1092 3.98 8.04 -27.87
CA PHE A 1092 3.80 6.61 -28.11
C PHE A 1092 4.24 5.78 -26.92
N LYS A 1093 5.01 6.37 -25.99
CA LYS A 1093 5.34 5.72 -24.74
C LYS A 1093 4.04 5.34 -24.04
N GLU A 1094 3.43 6.29 -23.32
CA GLU A 1094 2.14 6.11 -22.66
C GLU A 1094 1.92 4.67 -22.18
N ASN A 1095 1.46 3.81 -23.08
CA ASN A 1095 1.36 2.38 -22.81
C ASN A 1095 2.54 1.60 -23.37
N TYR A 1096 3.73 2.19 -23.30
CA TYR A 1096 4.96 1.44 -23.14
C TYR A 1096 5.40 1.47 -21.69
N ARG A 1097 4.58 2.08 -20.82
CA ARG A 1097 4.83 2.20 -19.40
C ARG A 1097 3.59 1.72 -18.67
N PHE A 1098 3.68 0.56 -18.05
CA PHE A 1098 2.56 -0.07 -17.36
C PHE A 1098 2.67 0.15 -15.85
N HIS A 1099 1.54 0.40 -15.22
CA HIS A 1099 1.46 0.58 -13.79
C HIS A 1099 1.05 -0.76 -13.20
N ALA A 1100 1.99 -1.41 -12.50
CA ALA A 1100 1.92 -2.86 -12.30
C ALA A 1100 2.02 -3.23 -10.83
N ILE A 1101 0.88 -3.43 -10.17
CA ILE A 1101 0.88 -4.22 -8.95
C ILE A 1101 1.23 -5.65 -9.36
N ASN A 1102 2.44 -6.08 -9.05
CA ASN A 1102 2.87 -7.44 -9.32
C ASN A 1102 2.89 -7.78 -10.81
N GLY A 1103 2.68 -6.79 -11.67
CA GLY A 1103 2.74 -6.98 -13.10
C GLY A 1103 1.41 -6.93 -13.82
N TYR A 1104 0.30 -6.81 -13.12
CA TYR A 1104 -1.02 -6.89 -13.74
C TYR A 1104 -1.70 -5.52 -13.67
N ILE A 1105 -1.75 -4.84 -14.82
CA ILE A 1105 -2.34 -3.51 -14.90
C ILE A 1105 -3.86 -3.62 -14.80
N MET A 1106 -4.47 -2.74 -14.00
CA MET A 1106 -5.91 -2.54 -13.99
C MET A 1106 -6.69 -3.78 -13.52
N ASP A 1107 -6.82 -3.95 -12.20
CA ASP A 1107 -7.57 -5.03 -11.57
C ASP A 1107 -7.45 -6.36 -12.31
N THR A 1108 -6.25 -6.65 -12.83
CA THR A 1108 -5.96 -7.89 -13.55
C THR A 1108 -5.16 -8.86 -12.69
N LEU A 1109 -5.15 -8.69 -11.37
CA LEU A 1109 -4.29 -9.49 -10.53
C LEU A 1109 -5.11 -10.51 -9.75
N PRO A 1110 -4.80 -11.81 -9.89
CA PRO A 1110 -5.53 -12.83 -9.15
C PRO A 1110 -4.73 -13.36 -7.98
N GLY A 1111 -5.24 -14.41 -7.32
CA GLY A 1111 -4.62 -14.97 -6.15
C GLY A 1111 -5.10 -14.34 -4.85
N LEU A 1112 -5.50 -13.08 -4.89
CA LEU A 1112 -5.97 -12.37 -3.70
C LEU A 1112 -7.31 -12.93 -3.22
N VAL A 1113 -7.26 -14.16 -2.72
CA VAL A 1113 -8.42 -14.85 -2.16
C VAL A 1113 -8.11 -15.08 -0.68
N MET A 1114 -8.81 -14.39 0.19
CA MET A 1114 -8.50 -14.41 1.62
C MET A 1114 -9.71 -14.87 2.42
N ALA A 1115 -9.43 -15.53 3.54
CA ALA A 1115 -10.46 -15.88 4.49
C ALA A 1115 -11.16 -14.62 5.00
N GLN A 1116 -12.24 -14.81 5.75
CA GLN A 1116 -12.71 -13.65 6.49
C GLN A 1116 -11.84 -13.52 7.74
N ASP A 1117 -12.47 -13.37 8.91
CA ASP A 1117 -11.74 -13.13 10.16
C ASP A 1117 -10.49 -14.01 10.27
N GLN A 1118 -9.35 -13.45 9.89
CA GLN A 1118 -8.09 -14.19 9.74
C GLN A 1118 -6.95 -13.23 9.44
N ARG A 1119 -5.92 -13.21 10.30
CA ARG A 1119 -4.76 -12.36 10.07
C ARG A 1119 -4.23 -12.54 8.64
N ILE A 1120 -3.71 -11.47 8.07
CA ILE A 1120 -3.06 -11.50 6.76
C ILE A 1120 -1.81 -10.62 6.83
N ARG A 1121 -0.71 -11.11 6.26
CA ARG A 1121 0.59 -10.46 6.37
C ARG A 1121 1.04 -10.00 4.98
N TRP A 1122 0.57 -8.82 4.59
CA TRP A 1122 0.94 -8.22 3.31
C TRP A 1122 2.39 -7.80 3.30
N TYR A 1123 3.05 -7.99 2.16
CA TYR A 1123 4.40 -7.50 1.93
C TYR A 1123 4.35 -6.44 0.85
N LEU A 1124 4.88 -5.26 1.15
CA LEU A 1124 4.73 -4.09 0.30
C LEU A 1124 6.11 -3.59 -0.12
N LEU A 1125 6.35 -3.54 -1.42
CA LEU A 1125 7.59 -3.07 -2.01
C LEU A 1125 7.28 -1.99 -3.04
N SER A 1126 8.31 -1.20 -3.37
CA SER A 1126 8.31 -0.39 -4.59
C SER A 1126 9.73 -0.28 -5.09
N MET A 1127 9.88 -0.15 -6.41
CA MET A 1127 11.21 -0.18 -7.02
C MET A 1127 11.24 0.68 -8.28
N GLY A 1128 12.34 1.40 -8.47
CA GLY A 1128 12.58 2.11 -9.72
C GLY A 1128 13.00 3.55 -9.59
N SER A 1129 12.52 4.39 -10.51
CA SER A 1129 12.79 5.82 -10.47
C SER A 1129 11.99 6.48 -9.35
N ASN A 1130 12.15 7.80 -9.22
CA ASN A 1130 11.49 8.55 -8.16
C ASN A 1130 10.03 8.87 -8.49
N GLU A 1131 9.49 8.33 -9.59
CA GLU A 1131 8.04 8.35 -9.79
C GLU A 1131 7.32 7.52 -8.72
N ASN A 1132 8.03 6.61 -8.07
CA ASN A 1132 7.45 5.41 -7.48
C ASN A 1132 7.01 5.58 -6.04
N ILE A 1133 7.14 6.77 -5.45
CA ILE A 1133 6.63 7.06 -4.12
C ILE A 1133 5.14 6.72 -4.02
N HIS A 1134 4.83 5.43 -4.20
CA HIS A 1134 3.45 4.97 -4.33
C HIS A 1134 2.76 4.96 -2.98
N SER A 1135 1.54 5.48 -2.92
CA SER A 1135 0.79 5.64 -1.67
C SER A 1135 -0.35 4.63 -1.65
N ILE A 1136 -0.08 3.46 -1.08
CA ILE A 1136 -0.99 2.32 -1.20
C ILE A 1136 -2.07 2.40 -0.14
N HIS A 1137 -3.28 2.02 -0.56
CA HIS A 1137 -4.50 2.21 0.21
C HIS A 1137 -5.32 0.94 0.07
N PHE A 1138 -5.68 0.33 1.19
CA PHE A 1138 -6.46 -0.90 1.21
C PHE A 1138 -7.92 -0.50 1.41
N SER A 1139 -8.70 -0.52 0.33
CA SER A 1139 -10.05 0.04 0.34
C SER A 1139 -10.85 -0.48 1.53
N GLY A 1140 -11.53 0.44 2.21
CA GLY A 1140 -12.32 0.09 3.37
C GLY A 1140 -11.53 -0.40 4.57
N HIS A 1141 -10.28 -0.82 4.36
CA HIS A 1141 -9.51 -1.56 5.34
C HIS A 1141 -8.42 -0.71 5.95
N VAL A 1142 -8.23 -0.89 7.26
CA VAL A 1142 -7.08 -0.37 7.95
C VAL A 1142 -6.14 -1.53 8.24
N PHE A 1143 -4.94 -1.21 8.71
CA PHE A 1143 -3.97 -2.22 9.08
C PHE A 1143 -3.00 -1.60 10.09
N THR A 1144 -1.97 -2.35 10.45
CA THR A 1144 -0.99 -1.92 11.43
C THR A 1144 0.39 -2.37 10.97
N VAL A 1145 1.42 -1.65 11.43
CA VAL A 1145 2.80 -2.00 11.14
C VAL A 1145 3.63 -1.77 12.40
N ARG A 1146 4.76 -2.46 12.47
CA ARG A 1146 5.59 -2.48 13.68
C ARG A 1146 7.03 -2.08 13.39
N LYS A 1147 7.53 -1.13 14.18
CA LYS A 1147 8.94 -0.78 14.26
C LYS A 1147 9.20 -0.40 15.71
N LYS A 1148 9.57 -1.38 16.55
CA LYS A 1148 9.88 -1.16 17.96
C LYS A 1148 8.68 -0.59 18.71
N GLU A 1149 7.63 -0.28 17.96
CA GLU A 1149 6.31 0.02 18.49
C GLU A 1149 5.31 -0.48 17.47
N GLU A 1150 4.03 -0.31 17.77
CA GLU A 1150 2.98 -0.80 16.88
C GLU A 1150 2.09 0.38 16.55
N TYR A 1151 2.20 0.88 15.31
CA TYR A 1151 1.47 2.04 14.86
C TYR A 1151 0.37 1.62 13.89
N LYS A 1152 -0.85 2.03 14.18
CA LYS A 1152 -1.99 1.73 13.34
C LYS A 1152 -2.05 2.74 12.19
N MET A 1153 -1.98 2.23 10.97
CA MET A 1153 -1.96 3.06 9.76
C MET A 1153 -3.15 2.71 8.88
N ALA A 1154 -3.24 3.36 7.71
CA ALA A 1154 -4.26 3.04 6.73
C ALA A 1154 -3.82 3.48 5.34
N LEU A 1155 -2.62 4.02 5.23
CA LEU A 1155 -2.06 4.43 3.93
C LEU A 1155 -0.55 4.44 4.11
N TYR A 1156 0.15 3.55 3.39
CA TYR A 1156 1.57 3.37 3.61
C TYR A 1156 2.34 3.70 2.33
N ASN A 1157 3.21 4.71 2.39
CA ASN A 1157 3.93 5.22 1.24
C ASN A 1157 5.22 4.44 1.04
N LEU A 1158 5.48 4.03 -0.20
CA LEU A 1158 6.51 3.04 -0.49
C LEU A 1158 7.63 3.68 -1.31
N TYR A 1159 8.54 4.35 -0.62
CA TYR A 1159 9.73 4.85 -1.29
C TYR A 1159 10.55 3.67 -1.82
N PRO A 1160 11.12 3.78 -3.02
CA PRO A 1160 11.75 2.61 -3.65
C PRO A 1160 12.92 2.08 -2.86
N GLY A 1161 12.96 0.75 -2.69
CA GLY A 1161 13.91 0.08 -1.85
C GLY A 1161 13.30 -0.41 -0.54
N VAL A 1162 12.30 0.28 -0.02
CA VAL A 1162 11.67 -0.08 1.24
C VAL A 1162 10.69 -1.22 0.97
N PHE A 1163 10.99 -2.39 1.52
CA PHE A 1163 10.04 -3.50 1.58
C PHE A 1163 9.47 -3.53 2.99
N GLU A 1164 8.17 -3.24 3.11
CA GLU A 1164 7.57 -3.29 4.42
C GLU A 1164 7.05 -4.67 4.77
N THR A 1165 5.92 -4.71 5.47
CA THR A 1165 5.33 -5.90 6.07
C THR A 1165 4.25 -5.42 7.02
N VAL A 1166 2.98 -5.58 6.65
CA VAL A 1166 1.89 -5.12 7.51
C VAL A 1166 1.00 -6.31 7.85
N GLU A 1167 -0.04 -6.06 8.65
CA GLU A 1167 -0.95 -7.10 9.06
C GLU A 1167 -2.35 -6.52 9.27
N MET A 1168 -3.36 -7.23 8.77
CA MET A 1168 -4.74 -6.79 8.91
C MET A 1168 -5.65 -8.00 8.94
N LEU A 1169 -6.78 -7.87 9.61
CA LEU A 1169 -7.82 -8.92 9.59
C LEU A 1169 -9.10 -8.35 9.00
N PRO A 1170 -9.49 -8.74 7.79
CA PRO A 1170 -10.68 -8.16 7.16
C PRO A 1170 -11.94 -8.66 7.85
N SER A 1171 -12.79 -7.71 8.26
CA SER A 1171 -13.98 -8.02 9.03
C SER A 1171 -15.25 -8.11 8.19
N LYS A 1172 -15.19 -7.76 6.90
CA LYS A 1172 -16.36 -7.82 6.04
C LYS A 1172 -16.01 -8.56 4.75
N ALA A 1173 -16.97 -9.35 4.26
CA ALA A 1173 -16.79 -10.17 3.07
C ALA A 1173 -17.34 -9.46 1.85
N GLY A 1174 -16.57 -9.50 0.77
CA GLY A 1174 -16.96 -8.84 -0.47
C GLY A 1174 -15.77 -8.82 -1.42
N ILE A 1175 -15.76 -7.82 -2.28
CA ILE A 1175 -14.64 -7.58 -3.18
C ILE A 1175 -14.16 -6.15 -2.95
N TRP A 1176 -12.88 -5.99 -2.62
CA TRP A 1176 -12.32 -4.67 -2.37
C TRP A 1176 -11.16 -4.40 -3.32
N ARG A 1177 -10.41 -3.35 -3.01
CA ARG A 1177 -9.40 -2.82 -3.90
C ARG A 1177 -8.13 -2.45 -3.16
N VAL A 1178 -7.01 -2.60 -3.87
CA VAL A 1178 -5.72 -2.03 -3.47
C VAL A 1178 -5.33 -1.03 -4.56
N GLU A 1179 -5.28 0.24 -4.19
CA GLU A 1179 -5.23 1.33 -5.17
C GLU A 1179 -3.85 1.97 -5.26
N CYS A 1180 -3.82 3.31 -5.29
CA CYS A 1180 -2.58 4.08 -5.24
C CYS A 1180 -2.87 5.58 -5.17
N LEU A 1181 -3.90 5.94 -4.41
CA LEU A 1181 -4.50 7.26 -4.21
C LEU A 1181 -3.93 8.50 -4.89
N ILE A 1182 -3.10 8.37 -5.92
CA ILE A 1182 -2.70 9.52 -6.74
C ILE A 1182 -3.16 9.25 -8.16
N GLY A 1183 -4.30 9.84 -8.53
CA GLY A 1183 -4.99 9.62 -9.79
C GLY A 1183 -4.15 9.34 -11.02
N GLU A 1184 -3.37 10.32 -11.50
CA GLU A 1184 -2.58 10.15 -12.72
C GLU A 1184 -1.75 8.87 -12.69
N HIS A 1185 -1.45 8.36 -11.51
CA HIS A 1185 -0.71 7.11 -11.38
C HIS A 1185 -1.64 5.92 -11.16
N LEU A 1186 -2.85 6.16 -10.65
CA LEU A 1186 -3.85 5.12 -10.49
C LEU A 1186 -4.72 4.98 -11.75
N HIS A 1187 -5.27 6.10 -12.23
CA HIS A 1187 -6.03 6.14 -13.48
C HIS A 1187 -5.31 5.41 -14.60
N ALA A 1188 -3.99 5.60 -14.69
CA ALA A 1188 -3.21 4.87 -15.68
C ALA A 1188 -3.16 3.37 -15.43
N GLY A 1189 -3.84 2.88 -14.39
CA GLY A 1189 -4.08 1.46 -14.26
C GLY A 1189 -3.26 0.75 -13.21
N MET A 1190 -3.33 1.21 -11.97
CA MET A 1190 -2.62 0.57 -10.86
C MET A 1190 -3.65 0.18 -9.81
N SER A 1191 -4.15 -1.05 -9.92
CA SER A 1191 -5.19 -1.49 -9.00
C SER A 1191 -5.34 -2.99 -9.11
N THR A 1192 -5.84 -3.58 -8.02
CA THR A 1192 -6.30 -4.96 -8.05
C THR A 1192 -7.36 -5.14 -6.97
N LEU A 1193 -8.06 -6.25 -7.06
CA LEU A 1193 -9.09 -6.61 -6.09
C LEU A 1193 -8.66 -7.81 -5.28
N PHE A 1194 -9.23 -7.93 -4.09
CA PHE A 1194 -9.03 -9.12 -3.29
C PHE A 1194 -10.37 -9.62 -2.79
N LEU A 1195 -10.48 -10.95 -2.68
CA LEU A 1195 -11.70 -11.62 -2.31
C LEU A 1195 -11.60 -12.06 -0.86
N VAL A 1196 -12.48 -11.55 -0.03
CA VAL A 1196 -12.68 -12.03 1.32
C VAL A 1196 -14.03 -12.75 1.36
N TYR A 1197 -14.01 -14.01 1.77
CA TYR A 1197 -15.19 -14.85 1.78
C TYR A 1197 -15.52 -15.25 3.21
N SER A 1198 -16.82 -15.31 3.52
CA SER A 1198 -17.30 -15.61 4.85
C SER A 1198 -17.17 -17.11 5.09
N ASN A 1199 -16.27 -17.51 5.99
CA ASN A 1199 -15.98 -18.94 6.10
C ASN A 1199 -17.10 -19.72 6.78
N LYS A 1200 -18.11 -19.05 7.32
CA LYS A 1200 -19.33 -19.72 7.75
C LYS A 1200 -20.37 -19.77 6.64
N CYS A 1201 -19.99 -19.43 5.42
CA CYS A 1201 -20.84 -19.54 4.24
C CYS A 1201 -20.45 -20.81 3.50
N GLN A 1202 -21.28 -21.85 3.61
CA GLN A 1202 -21.01 -23.13 2.98
C GLN A 1202 -22.37 -23.80 2.75
N THR A 1203 -22.88 -23.69 1.52
CA THR A 1203 -24.20 -24.22 1.25
C THR A 1203 -24.13 -25.22 0.09
N PRO A 1204 -25.05 -26.18 0.03
CA PRO A 1204 -25.11 -27.06 -1.14
C PRO A 1204 -25.45 -26.24 -2.36
N LEU A 1205 -24.60 -26.33 -3.39
CA LEU A 1205 -24.85 -25.57 -4.60
C LEU A 1205 -26.19 -25.93 -5.21
N GLY A 1206 -26.55 -27.21 -5.16
CA GLY A 1206 -27.89 -27.63 -5.54
C GLY A 1206 -27.93 -28.93 -6.30
N MET A 1207 -26.77 -29.57 -6.43
CA MET A 1207 -26.65 -30.80 -7.22
C MET A 1207 -27.64 -31.86 -6.72
N ALA A 1208 -27.78 -32.00 -5.41
CA ALA A 1208 -28.78 -32.92 -4.85
C ALA A 1208 -30.19 -32.42 -5.10
N SER A 1209 -30.53 -31.26 -4.53
CA SER A 1209 -31.87 -30.67 -4.66
C SER A 1209 -32.27 -30.43 -6.12
N GLY A 1210 -31.33 -30.55 -7.06
CA GLY A 1210 -31.63 -30.39 -8.46
C GLY A 1210 -31.57 -28.97 -8.98
N HIS A 1211 -31.44 -27.97 -8.09
CA HIS A 1211 -31.37 -26.58 -8.52
C HIS A 1211 -30.24 -26.34 -9.51
N ILE A 1212 -29.30 -27.28 -9.60
CA ILE A 1212 -28.41 -27.40 -10.75
C ILE A 1212 -29.13 -28.27 -11.77
N ARG A 1213 -29.53 -27.67 -12.89
CA ARG A 1213 -30.36 -28.35 -13.87
C ARG A 1213 -29.53 -29.35 -14.69
N ASP A 1214 -30.25 -30.31 -15.30
CA ASP A 1214 -29.59 -31.43 -15.97
C ASP A 1214 -28.65 -30.96 -17.08
N PHE A 1215 -29.04 -29.92 -17.82
CA PHE A 1215 -28.22 -29.48 -18.95
C PHE A 1215 -26.91 -28.85 -18.50
N GLN A 1216 -26.72 -28.58 -17.21
CA GLN A 1216 -25.45 -28.05 -16.72
C GLN A 1216 -24.39 -29.12 -16.54
N ILE A 1217 -24.78 -30.39 -16.43
CA ILE A 1217 -23.87 -31.48 -16.11
C ILE A 1217 -23.51 -32.21 -17.40
N THR A 1218 -22.25 -32.08 -17.81
CA THR A 1218 -21.70 -32.73 -18.99
C THR A 1218 -20.74 -33.83 -18.56
N ALA A 1219 -20.28 -34.62 -19.54
CA ALA A 1219 -19.38 -35.72 -19.25
C ALA A 1219 -18.45 -35.92 -20.44
N SER A 1220 -17.88 -37.14 -20.53
CA SER A 1220 -16.92 -37.51 -21.57
C SER A 1220 -17.25 -38.95 -21.97
N GLY A 1221 -18.23 -39.10 -22.84
CA GLY A 1221 -18.71 -40.44 -23.10
C GLY A 1221 -19.52 -40.95 -21.94
N GLN A 1222 -20.82 -40.66 -21.98
CA GLN A 1222 -21.78 -41.25 -21.06
C GLN A 1222 -21.62 -42.75 -20.89
N TYR A 1223 -21.00 -43.43 -21.87
CA TYR A 1223 -20.77 -44.86 -21.92
C TYR A 1223 -22.03 -45.62 -22.29
N GLY A 1224 -23.11 -45.43 -21.52
CA GLY A 1224 -24.31 -46.19 -21.75
C GLY A 1224 -25.26 -46.15 -20.58
N GLN A 1225 -26.42 -45.51 -20.78
CA GLN A 1225 -27.54 -45.46 -19.85
C GLN A 1225 -27.19 -44.96 -18.44
N TRP A 1226 -25.95 -45.16 -17.99
CA TRP A 1226 -25.45 -44.52 -16.77
C TRP A 1226 -25.11 -43.06 -17.10
N ALA A 1227 -26.16 -42.27 -17.35
CA ALA A 1227 -25.98 -40.93 -17.86
C ALA A 1227 -25.31 -40.03 -16.80
N PRO A 1228 -24.61 -38.98 -17.23
CA PRO A 1228 -24.04 -38.05 -16.26
C PRO A 1228 -25.06 -37.14 -15.62
N LYS A 1229 -26.21 -36.92 -16.27
CA LYS A 1229 -27.27 -36.11 -15.69
C LYS A 1229 -27.77 -36.70 -14.37
N LEU A 1230 -27.23 -37.87 -13.98
CA LEU A 1230 -27.60 -38.52 -12.73
C LEU A 1230 -26.64 -38.23 -11.57
N ALA A 1231 -25.38 -37.87 -11.85
CA ALA A 1231 -24.31 -37.90 -10.85
C ALA A 1231 -24.58 -37.06 -9.60
N ARG A 1232 -25.79 -37.17 -9.06
CA ARG A 1232 -26.20 -36.42 -7.88
C ARG A 1232 -26.12 -37.32 -6.65
N LEU A 1233 -25.96 -36.68 -5.49
CA LEU A 1233 -25.91 -37.42 -4.24
C LEU A 1233 -27.26 -38.08 -3.96
N HIS A 1234 -27.21 -39.22 -3.28
CA HIS A 1234 -28.36 -39.91 -2.72
C HIS A 1234 -29.36 -40.37 -3.78
N TYR A 1235 -29.02 -40.28 -5.06
CA TYR A 1235 -29.96 -40.70 -6.10
C TYR A 1235 -30.16 -42.21 -6.03
N SER A 1236 -31.42 -42.64 -6.00
CA SER A 1236 -31.76 -44.05 -5.86
C SER A 1236 -32.72 -44.46 -6.96
N GLY A 1237 -32.39 -45.55 -7.66
CA GLY A 1237 -33.27 -46.08 -8.69
C GLY A 1237 -32.61 -47.10 -9.61
N SER A 1238 -31.94 -48.09 -9.03
CA SER A 1238 -31.28 -49.18 -9.77
C SER A 1238 -30.17 -48.66 -10.68
N ILE A 1239 -30.46 -47.69 -11.54
CA ILE A 1239 -29.46 -46.86 -12.18
C ILE A 1239 -29.53 -45.47 -11.57
N ASN A 1240 -28.38 -44.87 -11.31
CA ASN A 1240 -28.34 -43.62 -10.55
C ASN A 1240 -26.93 -43.06 -10.39
N ALA A 1241 -26.26 -42.76 -11.50
CA ALA A 1241 -24.92 -42.17 -11.43
C ALA A 1241 -24.45 -41.94 -12.86
N TRP A 1242 -23.32 -41.24 -12.96
CA TRP A 1242 -22.53 -41.26 -14.17
C TRP A 1242 -21.56 -42.42 -14.08
N SER A 1243 -21.38 -43.15 -15.17
CA SER A 1243 -20.39 -44.21 -15.19
C SER A 1243 -19.81 -44.34 -16.59
N THR A 1244 -18.60 -44.91 -16.66
CA THR A 1244 -17.93 -45.06 -17.93
C THR A 1244 -16.88 -46.16 -17.83
N LYS A 1245 -16.89 -47.08 -18.81
CA LYS A 1245 -15.79 -48.02 -18.95
C LYS A 1245 -14.50 -47.33 -19.34
N GLU A 1246 -14.60 -46.21 -20.07
CA GLU A 1246 -13.44 -45.53 -20.62
C GLU A 1246 -12.41 -45.27 -19.51
N PRO A 1247 -11.11 -45.39 -19.81
CA PRO A 1247 -10.10 -45.34 -18.75
C PRO A 1247 -9.67 -43.92 -18.40
N PHE A 1248 -9.65 -43.03 -19.38
CA PHE A 1248 -9.35 -41.62 -19.18
C PHE A 1248 -10.63 -40.85 -19.50
N SER A 1249 -11.33 -40.40 -18.45
CA SER A 1249 -12.59 -39.71 -18.62
C SER A 1249 -12.64 -38.43 -17.80
N TRP A 1250 -13.82 -37.80 -17.72
CA TRP A 1250 -14.03 -36.58 -16.94
C TRP A 1250 -15.50 -36.20 -16.98
N ILE A 1251 -15.95 -35.55 -15.91
CA ILE A 1251 -17.29 -34.98 -15.81
C ILE A 1251 -17.16 -33.56 -15.30
N LYS A 1252 -17.83 -32.61 -15.96
CA LYS A 1252 -17.81 -31.22 -15.53
C LYS A 1252 -19.22 -30.70 -15.30
N VAL A 1253 -19.29 -29.55 -14.64
CA VAL A 1253 -20.56 -28.89 -14.36
C VAL A 1253 -20.49 -27.49 -14.97
N ASP A 1254 -21.32 -26.58 -14.47
CA ASP A 1254 -21.31 -25.16 -14.79
C ASP A 1254 -22.35 -24.47 -13.92
N LEU A 1255 -21.91 -23.76 -12.88
CA LEU A 1255 -22.87 -23.09 -12.01
C LEU A 1255 -23.56 -21.91 -12.69
N LEU A 1256 -23.30 -21.67 -13.98
CA LEU A 1256 -23.82 -20.56 -14.78
C LEU A 1256 -23.15 -19.24 -14.41
N ALA A 1257 -22.62 -19.15 -13.21
CA ALA A 1257 -21.98 -17.95 -12.69
C ALA A 1257 -20.65 -18.32 -12.08
N PRO A 1258 -19.71 -17.38 -12.01
CA PRO A 1258 -18.52 -17.62 -11.18
C PRO A 1258 -18.96 -17.78 -9.74
N MET A 1259 -18.43 -18.82 -9.08
CA MET A 1259 -18.80 -19.07 -7.70
C MET A 1259 -17.61 -19.51 -6.89
N ILE A 1260 -17.77 -19.43 -5.58
CA ILE A 1260 -16.83 -20.01 -4.63
C ILE A 1260 -17.15 -21.49 -4.51
N ILE A 1261 -16.50 -22.31 -5.33
CA ILE A 1261 -16.63 -23.76 -5.17
C ILE A 1261 -15.80 -24.16 -3.97
N HIS A 1262 -16.47 -24.55 -2.89
CA HIS A 1262 -15.87 -24.66 -1.57
C HIS A 1262 -15.67 -26.09 -1.11
N GLY A 1263 -16.35 -27.06 -1.72
CA GLY A 1263 -16.24 -28.44 -1.32
C GLY A 1263 -17.06 -29.39 -2.18
N ILE A 1264 -16.49 -30.55 -2.50
CA ILE A 1264 -17.18 -31.60 -3.23
C ILE A 1264 -17.30 -32.83 -2.36
N LYS A 1265 -18.42 -33.53 -2.50
CA LYS A 1265 -18.60 -34.83 -1.91
C LYS A 1265 -18.35 -35.89 -2.99
N THR A 1266 -18.54 -37.15 -2.64
CA THR A 1266 -18.35 -38.22 -3.62
C THR A 1266 -19.04 -39.47 -3.10
N GLN A 1267 -19.86 -40.07 -3.95
CA GLN A 1267 -20.44 -41.37 -3.63
C GLN A 1267 -20.03 -42.40 -4.67
N GLY A 1268 -20.91 -43.37 -4.89
CA GLY A 1268 -20.69 -44.39 -5.90
C GLY A 1268 -21.99 -45.15 -6.06
N ALA A 1269 -21.99 -46.07 -7.02
CA ALA A 1269 -23.17 -46.85 -7.30
C ALA A 1269 -22.84 -48.34 -7.14
N ARG A 1270 -23.86 -49.17 -7.32
CA ARG A 1270 -23.69 -50.61 -7.30
C ARG A 1270 -24.63 -51.24 -8.31
N GLN A 1271 -24.10 -52.22 -9.04
CA GLN A 1271 -24.86 -52.96 -10.05
C GLN A 1271 -24.66 -54.44 -9.79
N LYS A 1272 -25.76 -55.19 -9.71
CA LYS A 1272 -25.74 -56.62 -9.42
C LYS A 1272 -24.99 -56.82 -8.10
N PHE A 1273 -23.90 -57.57 -8.06
CA PHE A 1273 -23.09 -57.78 -6.86
C PHE A 1273 -21.75 -57.05 -6.96
N SER A 1274 -21.75 -55.85 -7.51
CA SER A 1274 -20.53 -55.11 -7.81
C SER A 1274 -20.59 -53.72 -7.21
N SER A 1275 -19.47 -53.28 -6.62
CA SER A 1275 -19.37 -51.97 -5.96
C SER A 1275 -18.68 -50.98 -6.89
N LEU A 1276 -19.43 -50.00 -7.39
CA LEU A 1276 -18.93 -49.05 -8.38
C LEU A 1276 -18.53 -47.76 -7.68
N TYR A 1277 -17.22 -47.51 -7.59
CA TYR A 1277 -16.76 -46.32 -6.90
C TYR A 1277 -15.45 -45.84 -7.47
N ILE A 1278 -15.19 -44.54 -7.31
CA ILE A 1278 -13.88 -43.95 -7.59
C ILE A 1278 -13.16 -43.73 -6.28
N SER A 1279 -11.84 -43.84 -6.32
CA SER A 1279 -11.00 -43.75 -5.14
C SER A 1279 -9.97 -42.64 -5.17
N GLN A 1280 -9.60 -42.16 -6.36
CA GLN A 1280 -8.43 -41.29 -6.49
C GLN A 1280 -8.70 -40.37 -7.67
N PHE A 1281 -9.13 -39.14 -7.39
CA PHE A 1281 -9.52 -38.19 -8.43
C PHE A 1281 -8.92 -36.81 -8.19
N ILE A 1282 -8.63 -36.12 -9.29
CA ILE A 1282 -8.12 -34.75 -9.29
C ILE A 1282 -9.21 -33.81 -9.80
N ILE A 1283 -8.92 -32.51 -9.87
CA ILE A 1283 -9.95 -31.52 -10.14
C ILE A 1283 -9.41 -30.45 -11.09
N MET A 1284 -10.25 -30.03 -12.04
CA MET A 1284 -9.97 -28.89 -12.89
C MET A 1284 -11.14 -27.92 -12.86
N TYR A 1285 -10.84 -26.65 -13.14
CA TYR A 1285 -11.82 -25.58 -13.05
C TYR A 1285 -11.40 -24.44 -13.96
N SER A 1286 -12.38 -23.59 -14.31
CA SER A 1286 -12.11 -22.44 -15.17
C SER A 1286 -13.28 -21.47 -15.09
N LEU A 1287 -13.09 -20.33 -15.75
CA LEU A 1287 -14.05 -19.22 -15.70
C LEU A 1287 -14.65 -18.86 -17.06
N ASP A 1288 -14.28 -19.54 -18.12
CA ASP A 1288 -14.98 -19.38 -19.38
C ASP A 1288 -15.47 -20.71 -19.94
N GLY A 1289 -14.73 -21.79 -19.71
CA GLY A 1289 -15.00 -23.08 -20.30
C GLY A 1289 -13.91 -23.58 -21.22
N LYS A 1290 -12.95 -22.74 -21.59
CA LYS A 1290 -11.90 -23.11 -22.55
C LYS A 1290 -10.50 -22.75 -22.05
N LYS A 1291 -10.32 -22.57 -20.74
CA LYS A 1291 -8.98 -22.34 -20.19
C LYS A 1291 -8.93 -23.02 -18.82
N TRP A 1292 -8.63 -24.31 -18.81
CA TRP A 1292 -8.68 -25.09 -17.58
C TRP A 1292 -7.38 -24.95 -16.81
N GLN A 1293 -7.51 -24.93 -15.48
CA GLN A 1293 -6.38 -24.98 -14.56
C GLN A 1293 -6.58 -26.16 -13.62
N THR A 1294 -5.46 -26.76 -13.19
CA THR A 1294 -5.50 -27.96 -12.37
C THR A 1294 -5.89 -27.62 -10.93
N TYR A 1295 -5.07 -27.98 -9.95
CA TYR A 1295 -5.30 -27.62 -8.55
C TYR A 1295 -4.11 -28.05 -7.71
N ARG A 1296 -3.66 -27.17 -6.81
CA ARG A 1296 -2.39 -27.35 -6.12
C ARG A 1296 -2.44 -27.11 -4.60
N GLY A 1297 -3.59 -26.77 -4.03
CA GLY A 1297 -3.70 -26.42 -2.62
C GLY A 1297 -2.84 -27.20 -1.64
N ASN A 1298 -2.11 -26.48 -0.78
CA ASN A 1298 -1.16 -27.00 0.19
C ASN A 1298 -0.23 -28.08 -0.39
N SER A 1299 -0.84 -29.11 -0.98
CA SER A 1299 -0.17 -30.36 -1.33
C SER A 1299 1.13 -30.09 -2.10
N THR A 1300 2.16 -30.86 -1.76
CA THR A 1300 3.52 -30.62 -2.20
C THR A 1300 3.82 -31.17 -3.60
N GLY A 1301 2.82 -31.41 -4.44
CA GLY A 1301 3.03 -31.98 -5.75
C GLY A 1301 2.67 -31.04 -6.89
N THR A 1302 2.74 -31.60 -8.10
CA THR A 1302 2.24 -30.88 -9.28
C THR A 1302 0.77 -30.55 -9.13
N LEU A 1303 0.04 -31.35 -8.37
CA LEU A 1303 -1.39 -31.15 -8.18
C LEU A 1303 -1.86 -31.91 -6.97
N MET A 1304 -2.94 -31.41 -6.37
CA MET A 1304 -3.63 -32.13 -5.31
C MET A 1304 -4.24 -33.41 -5.85
N VAL A 1305 -3.97 -34.52 -5.16
CA VAL A 1305 -4.55 -35.82 -5.48
C VAL A 1305 -5.53 -36.15 -4.35
N PHE A 1306 -6.82 -36.14 -4.66
CA PHE A 1306 -7.84 -36.38 -3.65
C PHE A 1306 -8.00 -37.88 -3.42
N PHE A 1307 -8.96 -38.25 -2.57
CA PHE A 1307 -9.19 -39.64 -2.24
C PHE A 1307 -10.70 -39.88 -2.15
N GLY A 1308 -11.24 -40.59 -3.13
CA GLY A 1308 -12.67 -40.80 -3.24
C GLY A 1308 -13.24 -41.75 -2.21
N ASN A 1309 -14.05 -42.71 -2.66
CA ASN A 1309 -14.71 -43.62 -1.74
C ASN A 1309 -13.98 -44.96 -1.73
N VAL A 1310 -14.66 -45.98 -1.21
CA VAL A 1310 -14.10 -47.32 -1.07
C VAL A 1310 -15.23 -48.33 -1.23
N ASP A 1311 -16.41 -47.85 -1.59
CA ASP A 1311 -17.62 -48.66 -1.61
C ASP A 1311 -18.71 -47.90 -2.34
N SER A 1312 -19.94 -48.42 -2.25
CA SER A 1312 -21.08 -47.87 -2.98
C SER A 1312 -21.89 -46.86 -2.16
N SER A 1313 -21.31 -46.29 -1.11
CA SER A 1313 -22.04 -45.32 -0.29
C SER A 1313 -21.12 -44.48 0.59
N GLY A 1314 -19.82 -44.50 0.32
CA GLY A 1314 -18.87 -43.78 1.16
C GLY A 1314 -18.78 -42.30 0.83
N ILE A 1315 -19.74 -41.52 1.32
CA ILE A 1315 -19.83 -40.09 1.02
C ILE A 1315 -18.55 -39.42 1.51
N LYS A 1316 -17.56 -39.27 0.62
CA LYS A 1316 -16.27 -38.70 0.97
C LYS A 1316 -16.32 -37.19 0.76
N HIS A 1317 -16.08 -36.44 1.84
CA HIS A 1317 -16.17 -34.98 1.83
C HIS A 1317 -14.75 -34.43 1.71
N ASN A 1318 -14.33 -34.14 0.48
CA ASN A 1318 -13.08 -33.46 0.24
C ASN A 1318 -13.29 -31.95 0.25
N ILE A 1319 -12.48 -31.24 1.03
CA ILE A 1319 -12.56 -29.79 1.13
C ILE A 1319 -11.38 -29.17 0.40
N PHE A 1320 -11.64 -28.04 -0.26
CA PHE A 1320 -10.58 -27.21 -0.86
C PHE A 1320 -10.35 -26.05 0.11
N ASN A 1321 -9.49 -26.24 1.11
CA ASN A 1321 -9.36 -25.18 2.10
C ASN A 1321 -8.65 -23.98 1.49
N PRO A 1322 -7.75 -24.16 0.53
CA PRO A 1322 -7.56 -23.12 -0.47
C PRO A 1322 -8.70 -23.17 -1.46
N PRO A 1323 -9.71 -22.30 -1.30
CA PRO A 1323 -10.96 -22.48 -2.03
C PRO A 1323 -10.76 -22.26 -3.52
N ILE A 1324 -11.82 -22.59 -4.27
CA ILE A 1324 -11.81 -22.49 -5.71
C ILE A 1324 -12.73 -21.35 -6.13
N ILE A 1325 -12.20 -20.45 -6.95
CA ILE A 1325 -13.03 -19.50 -7.69
C ILE A 1325 -13.14 -20.04 -9.11
N ALA A 1326 -14.35 -20.41 -9.50
CA ALA A 1326 -14.60 -20.85 -10.86
C ALA A 1326 -16.09 -20.84 -11.13
N ARG A 1327 -16.42 -21.08 -12.38
CA ARG A 1327 -17.78 -21.36 -12.79
C ARG A 1327 -17.95 -22.77 -13.35
N TYR A 1328 -16.91 -23.29 -14.00
CA TYR A 1328 -16.90 -24.63 -14.57
C TYR A 1328 -15.91 -25.48 -13.78
N ILE A 1329 -16.42 -26.45 -13.02
CA ILE A 1329 -15.59 -27.43 -12.32
C ILE A 1329 -15.72 -28.76 -13.03
N ARG A 1330 -14.66 -29.58 -12.95
CA ARG A 1330 -14.56 -30.77 -13.79
C ARG A 1330 -13.79 -31.87 -13.07
N LEU A 1331 -14.48 -32.95 -12.70
CA LEU A 1331 -13.91 -34.03 -11.92
C LEU A 1331 -13.28 -35.07 -12.84
N HIS A 1332 -11.98 -35.30 -12.67
CA HIS A 1332 -11.23 -36.26 -13.46
C HIS A 1332 -10.83 -37.45 -12.61
N PRO A 1333 -11.31 -38.67 -12.88
CA PRO A 1333 -10.84 -39.84 -12.13
C PRO A 1333 -9.50 -40.33 -12.63
N THR A 1334 -8.78 -41.00 -11.72
CA THR A 1334 -7.47 -41.56 -12.06
C THR A 1334 -7.39 -43.04 -11.71
N HIS A 1335 -8.08 -43.45 -10.65
CA HIS A 1335 -8.10 -44.84 -10.23
C HIS A 1335 -9.47 -45.21 -9.69
N TYR A 1336 -9.93 -46.40 -10.07
CA TYR A 1336 -11.33 -46.73 -10.03
C TYR A 1336 -11.51 -48.22 -9.78
N SER A 1337 -12.53 -48.56 -9.02
CA SER A 1337 -12.94 -49.95 -8.78
C SER A 1337 -14.07 -50.27 -9.75
N ILE A 1338 -13.88 -51.34 -10.54
CA ILE A 1338 -14.82 -51.79 -11.55
C ILE A 1338 -14.92 -50.76 -12.67
N ARG A 1339 -15.75 -49.73 -12.46
CA ARG A 1339 -15.90 -48.64 -13.42
C ARG A 1339 -15.93 -47.33 -12.67
N SER A 1340 -15.14 -46.37 -13.14
CA SER A 1340 -15.24 -45.00 -12.69
C SER A 1340 -16.70 -44.56 -12.69
N THR A 1341 -17.22 -44.29 -11.50
CA THR A 1341 -18.65 -44.05 -11.31
C THR A 1341 -18.83 -43.15 -10.09
N LEU A 1342 -19.69 -42.15 -10.22
CA LEU A 1342 -19.67 -41.05 -9.27
C LEU A 1342 -21.08 -40.54 -9.01
N ARG A 1343 -21.32 -40.12 -7.76
CA ARG A 1343 -22.42 -39.26 -7.41
C ARG A 1343 -21.88 -38.18 -6.48
N MET A 1344 -21.96 -36.93 -6.90
CA MET A 1344 -21.32 -35.82 -6.23
C MET A 1344 -22.36 -34.82 -5.71
N GLU A 1345 -21.86 -33.77 -5.08
CA GLU A 1345 -22.64 -32.62 -4.66
C GLU A 1345 -21.65 -31.52 -4.28
N LEU A 1346 -21.80 -30.33 -4.85
CA LEU A 1346 -20.85 -29.25 -4.61
C LEU A 1346 -21.32 -28.35 -3.48
N MET A 1347 -20.46 -28.17 -2.48
CA MET A 1347 -20.66 -27.19 -1.43
C MET A 1347 -19.95 -25.90 -1.83
N GLY A 1348 -20.66 -24.79 -1.74
CA GLY A 1348 -20.02 -23.52 -2.06
C GLY A 1348 -20.88 -22.36 -1.62
N CYS A 1349 -20.43 -21.17 -2.00
CA CYS A 1349 -21.21 -19.96 -1.84
C CYS A 1349 -20.99 -19.08 -3.06
N ASP A 1350 -21.83 -18.06 -3.20
CA ASP A 1350 -21.67 -17.08 -4.25
C ASP A 1350 -20.41 -16.25 -3.96
N LEU A 1351 -20.20 -15.21 -4.76
CA LEU A 1351 -18.98 -14.43 -4.63
C LEU A 1351 -18.99 -13.59 -3.35
N ASN A 1352 -20.04 -12.80 -3.15
CA ASN A 1352 -20.12 -11.90 -2.02
C ASN A 1352 -20.65 -12.57 -0.75
N SER A 1353 -20.60 -13.90 -0.69
CA SER A 1353 -21.00 -14.68 0.48
C SER A 1353 -22.39 -14.26 0.97
N CYS A 1354 -23.40 -14.66 0.19
CA CYS A 1354 -24.79 -14.36 0.47
C CYS A 1354 -25.64 -15.55 0.02
N SER A 1355 -25.57 -16.64 0.78
CA SER A 1355 -26.23 -17.88 0.38
C SER A 1355 -26.90 -18.57 1.57
N MET A 1356 -26.23 -18.56 2.72
CA MET A 1356 -26.72 -19.30 3.87
C MET A 1356 -28.10 -18.80 4.30
N PRO A 1357 -28.96 -19.67 4.79
CA PRO A 1357 -30.34 -19.28 5.05
C PRO A 1357 -30.44 -18.34 6.23
N LEU A 1358 -31.44 -17.47 6.18
CA LEU A 1358 -31.66 -16.54 7.29
C LEU A 1358 -32.41 -17.22 8.44
N GLY A 1359 -32.22 -18.53 8.56
CA GLY A 1359 -32.64 -19.25 9.76
C GLY A 1359 -34.12 -19.44 9.94
N MET A 1360 -34.88 -19.59 8.85
CA MET A 1360 -36.26 -20.04 8.99
C MET A 1360 -36.32 -21.43 9.62
N GLU A 1361 -35.67 -22.40 8.98
CA GLU A 1361 -35.80 -23.80 9.38
C GLU A 1361 -35.27 -24.03 10.79
N SER A 1362 -34.00 -23.69 11.02
CA SER A 1362 -33.45 -23.64 12.37
C SER A 1362 -34.10 -22.47 13.08
N LYS A 1363 -35.01 -22.74 14.02
CA LYS A 1363 -35.94 -21.74 14.56
C LYS A 1363 -35.26 -20.45 15.05
N ALA A 1364 -34.39 -19.86 14.21
CA ALA A 1364 -33.71 -18.62 14.53
C ALA A 1364 -34.57 -17.40 14.31
N ILE A 1365 -35.78 -17.57 13.76
CA ILE A 1365 -36.74 -16.50 13.58
C ILE A 1365 -37.97 -16.88 14.40
N SER A 1366 -38.22 -16.13 15.47
CA SER A 1366 -39.23 -16.52 16.43
C SER A 1366 -40.59 -16.68 15.76
N ASP A 1367 -41.38 -17.62 16.30
CA ASP A 1367 -42.73 -17.86 15.80
C ASP A 1367 -43.56 -16.58 15.77
N ALA A 1368 -43.27 -15.64 16.68
CA ALA A 1368 -43.98 -14.36 16.70
C ALA A 1368 -43.49 -13.40 15.64
N GLN A 1369 -42.27 -13.58 15.11
CA GLN A 1369 -41.80 -12.73 14.02
C GLN A 1369 -42.50 -13.03 12.70
N ILE A 1370 -43.35 -14.05 12.67
CA ILE A 1370 -44.02 -14.50 11.45
C ILE A 1370 -45.52 -14.43 11.68
N THR A 1371 -46.23 -13.76 10.77
CA THR A 1371 -47.68 -13.70 10.85
C THR A 1371 -48.24 -13.70 9.43
N ALA A 1372 -49.51 -14.07 9.31
CA ALA A 1372 -50.13 -14.20 8.00
C ALA A 1372 -51.58 -13.77 8.06
N SER A 1373 -52.17 -13.62 6.87
CA SER A 1373 -53.52 -13.08 6.75
C SER A 1373 -54.57 -14.02 7.32
N SER A 1374 -54.31 -15.33 7.29
CA SER A 1374 -55.33 -16.30 7.69
C SER A 1374 -54.66 -17.57 8.19
N TYR A 1375 -55.16 -18.12 9.29
CA TYR A 1375 -54.65 -19.35 9.87
C TYR A 1375 -55.80 -20.32 10.11
N PHE A 1376 -55.97 -21.26 9.18
CA PHE A 1376 -56.91 -22.37 9.31
C PHE A 1376 -56.72 -23.07 10.65
N THR A 1377 -57.82 -23.23 11.40
CA THR A 1377 -57.71 -23.92 12.68
C THR A 1377 -59.07 -24.42 13.15
N ASN A 1378 -59.03 -25.50 13.95
CA ASN A 1378 -60.17 -26.04 14.66
C ASN A 1378 -59.69 -27.02 15.74
N MET A 1379 -59.67 -28.31 15.43
CA MET A 1379 -59.08 -29.33 16.29
C MET A 1379 -58.14 -30.21 15.46
N PHE A 1380 -57.17 -30.84 16.14
CA PHE A 1380 -56.12 -31.63 15.48
C PHE A 1380 -55.47 -30.82 14.35
N ALA A 1381 -55.40 -29.50 14.51
CA ALA A 1381 -55.04 -28.61 13.43
C ALA A 1381 -54.12 -27.47 13.87
N THR A 1382 -54.63 -26.24 13.82
CA THR A 1382 -53.83 -25.03 13.96
C THR A 1382 -52.69 -25.01 12.97
N TRP A 1383 -52.99 -24.71 11.70
CA TRP A 1383 -51.97 -24.50 10.69
C TRP A 1383 -51.39 -23.11 10.84
N SER A 1384 -50.90 -22.80 12.04
CA SER A 1384 -50.51 -21.44 12.36
C SER A 1384 -49.42 -20.96 11.41
N PRO A 1385 -49.46 -19.69 10.97
CA PRO A 1385 -48.41 -19.17 10.09
C PRO A 1385 -47.04 -19.32 10.69
N SER A 1386 -46.96 -19.47 12.02
CA SER A 1386 -45.73 -19.82 12.71
C SER A 1386 -45.06 -21.07 12.15
N LYS A 1387 -45.80 -21.95 11.48
CA LYS A 1387 -45.28 -23.25 11.07
C LYS A 1387 -44.91 -23.31 9.59
N ALA A 1388 -44.42 -22.20 9.02
CA ALA A 1388 -44.07 -22.13 7.61
C ALA A 1388 -42.64 -22.58 7.32
N ARG A 1389 -42.00 -23.29 8.25
CA ARG A 1389 -40.58 -23.53 8.17
C ARG A 1389 -40.27 -24.70 7.24
N LEU A 1390 -39.30 -24.48 6.33
CA LEU A 1390 -38.85 -25.52 5.40
C LEU A 1390 -38.46 -26.78 6.16
N HIS A 1391 -38.72 -27.93 5.52
CA HIS A 1391 -38.35 -29.24 6.05
C HIS A 1391 -38.99 -29.56 7.41
N LEU A 1392 -39.84 -28.67 7.93
CA LEU A 1392 -40.49 -28.93 9.20
C LEU A 1392 -41.37 -30.17 9.11
N GLN A 1393 -41.26 -31.04 10.10
CA GLN A 1393 -42.02 -32.27 10.16
C GLN A 1393 -43.15 -32.13 11.18
N GLY A 1394 -43.92 -33.21 11.34
CA GLY A 1394 -44.95 -33.29 12.36
C GLY A 1394 -46.35 -33.08 11.80
N ARG A 1395 -47.31 -33.21 12.69
CA ARG A 1395 -48.71 -32.97 12.35
C ARG A 1395 -49.01 -31.48 12.42
N SER A 1396 -49.77 -30.99 11.42
CA SER A 1396 -50.01 -29.56 11.22
C SER A 1396 -48.68 -28.83 11.06
N ASN A 1397 -48.15 -28.78 9.84
CA ASN A 1397 -46.78 -28.36 9.62
C ASN A 1397 -46.64 -27.51 8.36
N ALA A 1398 -47.51 -26.51 8.22
CA ALA A 1398 -47.41 -25.54 7.14
C ALA A 1398 -48.44 -24.45 7.38
N TRP A 1399 -48.19 -23.29 6.80
CA TRP A 1399 -49.21 -22.25 6.82
C TRP A 1399 -50.34 -22.64 5.88
N ARG A 1400 -51.56 -22.40 6.31
CA ARG A 1400 -52.74 -22.67 5.51
C ARG A 1400 -53.78 -21.60 5.79
N PRO A 1401 -54.13 -20.77 4.81
CA PRO A 1401 -55.22 -19.81 5.02
C PRO A 1401 -56.51 -20.57 5.29
N GLN A 1402 -57.37 -19.97 6.13
CA GLN A 1402 -58.69 -20.56 6.33
C GLN A 1402 -59.46 -20.58 5.01
N VAL A 1403 -59.28 -19.55 4.19
CA VAL A 1403 -59.96 -19.44 2.91
C VAL A 1403 -59.20 -20.30 1.91
N ASN A 1404 -58.86 -19.71 0.75
CA ASN A 1404 -57.99 -20.26 -0.28
C ASN A 1404 -58.12 -19.39 -1.52
N ASN A 1405 -57.94 -18.09 -1.38
CA ASN A 1405 -58.16 -17.13 -2.46
C ASN A 1405 -56.83 -16.57 -2.96
N PRO A 1406 -56.78 -16.11 -4.21
CA PRO A 1406 -55.50 -15.68 -4.80
C PRO A 1406 -54.92 -14.41 -4.21
N LYS A 1407 -55.56 -13.78 -3.23
CA LYS A 1407 -54.88 -12.73 -2.47
C LYS A 1407 -54.02 -13.40 -1.41
N GLU A 1408 -54.25 -13.08 -0.13
CA GLU A 1408 -53.59 -13.74 1.00
C GLU A 1408 -52.07 -13.57 1.01
N TRP A 1409 -51.47 -13.71 2.18
CA TRP A 1409 -50.04 -13.44 2.28
C TRP A 1409 -49.47 -14.08 3.55
N LEU A 1410 -48.16 -14.25 3.55
CA LEU A 1410 -47.38 -14.63 4.72
C LEU A 1410 -46.34 -13.55 4.97
N GLN A 1411 -46.21 -13.12 6.22
CA GLN A 1411 -45.37 -11.97 6.57
C GLN A 1411 -44.20 -12.42 7.44
N VAL A 1412 -43.03 -11.84 7.18
CA VAL A 1412 -41.82 -12.17 7.92
C VAL A 1412 -41.08 -10.90 8.33
N ASP A 1413 -41.32 -10.43 9.54
CA ASP A 1413 -40.62 -9.27 10.09
C ASP A 1413 -39.25 -9.72 10.57
N PHE A 1414 -38.23 -9.52 9.72
CA PHE A 1414 -36.86 -9.89 10.12
C PHE A 1414 -36.43 -9.17 11.39
N GLN A 1415 -36.98 -7.99 11.65
CA GLN A 1415 -36.67 -7.12 12.79
C GLN A 1415 -35.28 -6.49 12.68
N LYS A 1416 -34.71 -6.47 11.47
CA LYS A 1416 -33.42 -5.89 11.16
C LYS A 1416 -33.24 -5.96 9.66
N THR A 1417 -32.72 -4.89 9.06
CA THR A 1417 -32.60 -4.83 7.61
C THR A 1417 -31.57 -5.85 7.16
N MET A 1418 -32.04 -6.98 6.64
CA MET A 1418 -31.21 -7.94 5.93
C MET A 1418 -31.31 -7.70 4.43
N LYS A 1419 -30.37 -8.31 3.71
CA LYS A 1419 -30.41 -8.35 2.25
C LYS A 1419 -30.83 -9.74 1.83
N VAL A 1420 -31.94 -9.83 1.08
CA VAL A 1420 -32.53 -11.10 0.69
C VAL A 1420 -32.07 -11.43 -0.72
N THR A 1421 -31.55 -12.65 -0.91
CA THR A 1421 -31.00 -13.06 -2.19
C THR A 1421 -31.59 -14.38 -2.66
N GLY A 1422 -32.81 -14.70 -2.24
CA GLY A 1422 -33.43 -15.94 -2.63
C GLY A 1422 -34.49 -16.42 -1.66
N VAL A 1423 -35.48 -17.14 -2.18
CA VAL A 1423 -36.57 -17.68 -1.39
C VAL A 1423 -36.72 -19.16 -1.74
N THR A 1424 -36.47 -20.04 -0.77
CA THR A 1424 -36.77 -21.46 -0.92
C THR A 1424 -38.17 -21.73 -0.39
N THR A 1425 -38.99 -22.37 -1.22
CA THR A 1425 -40.41 -22.54 -0.95
C THR A 1425 -40.81 -24.00 -1.21
N GLN A 1426 -41.84 -24.45 -0.51
CA GLN A 1426 -42.11 -25.88 -0.39
C GLN A 1426 -43.56 -26.10 0.03
N GLY A 1427 -44.07 -27.32 -0.21
CA GLY A 1427 -45.40 -27.70 0.19
C GLY A 1427 -45.40 -28.98 0.99
N VAL A 1428 -46.55 -29.29 1.59
CA VAL A 1428 -46.70 -30.43 2.48
C VAL A 1428 -47.75 -31.39 1.97
N LYS A 1429 -47.71 -32.61 2.50
CA LYS A 1429 -48.73 -33.62 2.27
C LYS A 1429 -49.37 -33.99 3.59
N SER A 1430 -50.71 -33.93 3.63
CA SER A 1430 -51.46 -34.17 4.86
C SER A 1430 -52.65 -35.07 4.55
N LEU A 1431 -52.60 -36.31 5.03
CA LEU A 1431 -53.74 -37.23 5.04
C LEU A 1431 -54.29 -37.42 3.62
N LEU A 1432 -53.47 -38.10 2.81
CA LEU A 1432 -53.67 -38.26 1.36
C LEU A 1432 -54.22 -36.99 0.73
N THR A 1433 -53.46 -35.91 0.90
CA THR A 1433 -53.79 -34.66 0.23
C THR A 1433 -52.49 -33.88 0.08
N SER A 1434 -51.75 -34.17 -0.98
CA SER A 1434 -50.58 -33.37 -1.31
C SER A 1434 -51.02 -31.97 -1.70
N MET A 1435 -50.46 -30.96 -1.02
CA MET A 1435 -50.85 -29.57 -1.19
C MET A 1435 -49.61 -28.73 -1.39
N TYR A 1436 -49.59 -27.91 -2.44
CA TYR A 1436 -48.46 -27.04 -2.67
C TYR A 1436 -48.93 -25.78 -3.39
N VAL A 1437 -47.96 -24.96 -3.81
CA VAL A 1437 -48.22 -23.64 -4.37
C VAL A 1437 -47.42 -23.51 -5.67
N LYS A 1438 -48.13 -23.37 -6.79
CA LYS A 1438 -47.48 -23.36 -8.10
C LYS A 1438 -46.77 -22.04 -8.37
N GLU A 1439 -47.46 -20.92 -8.18
CA GLU A 1439 -46.96 -19.62 -8.61
C GLU A 1439 -47.26 -18.59 -7.52
N PHE A 1440 -46.22 -17.97 -6.98
CA PHE A 1440 -46.35 -16.94 -5.96
C PHE A 1440 -45.60 -15.70 -6.41
N LEU A 1441 -45.78 -14.62 -5.64
CA LEU A 1441 -45.07 -13.38 -5.91
C LEU A 1441 -44.79 -12.69 -4.58
N ILE A 1442 -43.75 -11.85 -4.57
CA ILE A 1442 -43.14 -11.35 -3.34
C ILE A 1442 -43.35 -9.84 -3.26
N SER A 1443 -43.86 -9.37 -2.13
CA SER A 1443 -43.94 -7.94 -1.83
C SER A 1443 -43.15 -7.65 -0.56
N SER A 1444 -42.43 -6.54 -0.56
CA SER A 1444 -41.52 -6.19 0.53
C SER A 1444 -41.87 -4.82 1.08
N SER A 1445 -42.16 -4.75 2.38
CA SER A 1445 -42.36 -3.49 3.07
C SER A 1445 -41.00 -2.98 3.56
N GLN A 1446 -41.02 -2.08 4.55
CA GLN A 1446 -39.78 -1.58 5.15
C GLN A 1446 -40.10 -1.06 6.55
N ASP A 1447 -41.18 -0.31 6.68
CA ASP A 1447 -41.65 0.19 7.96
C ASP A 1447 -42.96 -0.46 8.40
N GLY A 1448 -43.37 -1.53 7.73
CA GLY A 1448 -44.48 -2.36 8.18
C GLY A 1448 -45.81 -2.07 7.55
N HIS A 1449 -45.94 -0.99 6.77
CA HIS A 1449 -47.24 -0.67 6.18
C HIS A 1449 -47.15 -0.06 4.80
N GLN A 1450 -45.96 0.06 4.21
CA GLN A 1450 -45.79 0.56 2.85
C GLN A 1450 -45.10 -0.51 2.02
N TRP A 1451 -45.72 -0.93 0.93
CA TRP A 1451 -45.35 -2.15 0.23
C TRP A 1451 -45.11 -1.88 -1.25
N THR A 1452 -44.33 -2.76 -1.86
CA THR A 1452 -43.98 -2.64 -3.28
C THR A 1452 -43.66 -4.02 -3.83
N LEU A 1453 -44.43 -4.46 -4.84
CA LEU A 1453 -44.24 -5.80 -5.39
C LEU A 1453 -42.98 -5.86 -6.24
N PHE A 1454 -42.23 -6.95 -6.09
CA PHE A 1454 -41.01 -7.21 -6.84
C PHE A 1454 -41.26 -7.17 -8.35
N PHE A 1455 -41.17 -5.98 -8.95
CA PHE A 1455 -41.34 -5.89 -10.39
C PHE A 1455 -40.12 -6.48 -11.10
N GLN A 1456 -40.36 -6.97 -12.31
CA GLN A 1456 -39.29 -7.56 -13.12
C GLN A 1456 -39.56 -7.26 -14.59
N ASN A 1457 -38.63 -6.54 -15.22
CA ASN A 1457 -38.82 -6.00 -16.57
C ASN A 1457 -40.10 -5.19 -16.63
N GLY A 1458 -40.23 -4.24 -15.70
CA GLY A 1458 -41.39 -3.37 -15.64
C GLY A 1458 -42.55 -3.96 -14.87
N LYS A 1459 -43.14 -5.02 -15.41
CA LYS A 1459 -44.33 -5.64 -14.85
C LYS A 1459 -43.96 -6.48 -13.62
N VAL A 1460 -44.92 -7.27 -13.12
CA VAL A 1460 -44.70 -8.10 -11.95
C VAL A 1460 -44.18 -9.46 -12.38
N LYS A 1461 -43.48 -10.13 -11.47
CA LYS A 1461 -42.86 -11.42 -11.73
C LYS A 1461 -43.67 -12.53 -11.06
N VAL A 1462 -44.15 -13.48 -11.87
CA VAL A 1462 -44.79 -14.69 -11.35
C VAL A 1462 -43.71 -15.72 -11.10
N PHE A 1463 -43.43 -15.99 -9.82
CA PHE A 1463 -42.37 -16.94 -9.49
C PHE A 1463 -42.89 -18.36 -9.64
N GLN A 1464 -42.14 -19.17 -10.39
CA GLN A 1464 -42.49 -20.57 -10.61
C GLN A 1464 -42.19 -21.37 -9.34
N GLY A 1465 -42.13 -22.68 -9.46
CA GLY A 1465 -41.70 -23.44 -8.31
C GLY A 1465 -42.80 -24.34 -7.77
N ASN A 1466 -42.36 -25.43 -7.12
CA ASN A 1466 -43.23 -26.42 -6.48
C ASN A 1466 -44.20 -27.07 -7.45
N GLN A 1467 -43.81 -28.25 -7.95
CA GLN A 1467 -44.68 -29.09 -8.75
C GLN A 1467 -45.19 -30.30 -7.99
N ASP A 1468 -44.66 -30.54 -6.78
CA ASP A 1468 -45.12 -31.61 -5.90
C ASP A 1468 -45.14 -31.06 -4.48
N SER A 1469 -45.12 -31.94 -3.49
CA SER A 1469 -45.39 -31.57 -2.11
C SER A 1469 -44.26 -31.96 -1.17
N PHE A 1470 -43.01 -31.77 -1.58
CA PHE A 1470 -41.88 -31.99 -0.70
C PHE A 1470 -40.60 -31.38 -1.24
N THR A 1471 -40.39 -31.48 -2.56
CA THR A 1471 -39.18 -30.95 -3.16
C THR A 1471 -39.14 -29.44 -2.98
N PRO A 1472 -38.14 -28.90 -2.27
CA PRO A 1472 -38.03 -27.45 -2.16
C PRO A 1472 -37.65 -26.87 -3.52
N VAL A 1473 -37.94 -25.58 -3.69
CA VAL A 1473 -37.56 -24.89 -4.90
C VAL A 1473 -37.05 -23.50 -4.53
N VAL A 1474 -35.83 -23.19 -4.93
CA VAL A 1474 -35.18 -21.93 -4.61
C VAL A 1474 -35.38 -20.96 -5.76
N ASN A 1475 -35.80 -19.75 -5.43
CA ASN A 1475 -36.02 -18.70 -6.42
C ASN A 1475 -35.05 -17.56 -6.09
N SER A 1476 -33.88 -17.60 -6.72
CA SER A 1476 -32.94 -16.51 -6.59
C SER A 1476 -33.52 -15.24 -7.20
N LEU A 1477 -33.08 -14.10 -6.68
CA LEU A 1477 -33.53 -12.79 -7.14
C LEU A 1477 -32.36 -12.10 -7.82
N ASP A 1478 -32.59 -11.58 -9.03
CA ASP A 1478 -31.51 -10.93 -9.77
C ASP A 1478 -31.32 -9.49 -9.32
N PRO A 1479 -32.37 -8.77 -8.93
CA PRO A 1479 -32.17 -7.60 -8.06
C PRO A 1479 -32.29 -8.00 -6.61
N PRO A 1480 -31.16 -8.31 -5.94
CA PRO A 1480 -31.22 -8.79 -4.56
C PRO A 1480 -31.89 -7.79 -3.62
N LEU A 1481 -33.21 -7.96 -3.50
CA LEU A 1481 -34.08 -7.23 -2.58
C LEU A 1481 -33.45 -6.95 -1.22
N LEU A 1482 -33.82 -5.83 -0.60
CA LEU A 1482 -33.24 -5.44 0.69
C LEU A 1482 -34.24 -5.66 1.81
N THR A 1483 -34.58 -4.59 2.53
CA THR A 1483 -35.69 -4.54 3.50
C THR A 1483 -35.53 -5.42 4.73
N ARG A 1484 -36.26 -5.09 5.80
CA ARG A 1484 -36.46 -5.96 6.94
C ARG A 1484 -37.78 -6.71 6.90
N TYR A 1485 -38.72 -6.28 6.05
CA TYR A 1485 -40.00 -6.96 5.90
C TYR A 1485 -40.03 -7.73 4.58
N LEU A 1486 -40.79 -8.83 4.58
CA LEU A 1486 -40.95 -9.69 3.40
C LEU A 1486 -42.31 -10.36 3.46
N ARG A 1487 -42.93 -10.55 2.28
CA ARG A 1487 -44.25 -11.17 2.19
C ARG A 1487 -44.34 -12.06 0.96
N ILE A 1488 -45.02 -13.20 1.10
CA ILE A 1488 -45.29 -14.12 0.00
C ILE A 1488 -46.78 -14.13 -0.25
N HIS A 1489 -47.19 -13.80 -1.47
CA HIS A 1489 -48.57 -13.97 -1.92
C HIS A 1489 -48.64 -15.16 -2.88
N PRO A 1490 -49.37 -16.20 -2.55
CA PRO A 1490 -49.49 -17.33 -3.49
C PRO A 1490 -50.60 -17.13 -4.49
N GLN A 1491 -50.28 -17.20 -5.78
CA GLN A 1491 -51.34 -17.14 -6.80
C GLN A 1491 -51.79 -18.57 -7.08
N SER A 1492 -51.63 -19.05 -8.32
CA SER A 1492 -52.09 -20.38 -8.69
C SER A 1492 -51.49 -21.45 -7.79
N TRP A 1493 -52.35 -22.23 -7.14
CA TRP A 1493 -51.86 -23.30 -6.27
C TRP A 1493 -52.44 -24.65 -6.69
N VAL A 1494 -52.44 -25.62 -5.78
CA VAL A 1494 -52.81 -27.00 -6.10
C VAL A 1494 -53.50 -27.60 -4.88
N HIS A 1495 -54.70 -28.17 -5.09
CA HIS A 1495 -55.53 -28.63 -3.99
C HIS A 1495 -55.80 -27.49 -3.02
N GLN A 1496 -54.91 -27.28 -2.05
CA GLN A 1496 -55.04 -26.15 -1.14
C GLN A 1496 -53.69 -25.45 -0.99
N ILE A 1497 -53.72 -24.29 -0.35
CA ILE A 1497 -52.53 -23.46 -0.20
C ILE A 1497 -51.78 -23.92 1.05
N ALA A 1498 -50.63 -24.56 0.84
CA ALA A 1498 -49.76 -25.01 1.92
C ALA A 1498 -48.38 -24.45 1.65
N LEU A 1499 -47.94 -23.50 2.47
CA LEU A 1499 -46.65 -22.87 2.30
C LEU A 1499 -45.66 -23.38 3.35
N ARG A 1500 -44.44 -23.64 2.90
CA ARG A 1500 -43.29 -23.85 3.76
C ARG A 1500 -42.10 -23.21 3.07
N MET A 1501 -41.32 -22.42 3.81
CA MET A 1501 -40.26 -21.66 3.16
C MET A 1501 -39.02 -21.58 4.03
N GLU A 1502 -38.01 -20.92 3.48
CA GLU A 1502 -36.76 -20.64 4.16
C GLU A 1502 -36.06 -19.55 3.36
N VAL A 1503 -35.98 -18.34 3.91
CA VAL A 1503 -35.44 -17.21 3.15
C VAL A 1503 -33.94 -17.38 2.97
N LEU A 1504 -33.49 -17.31 1.72
CA LEU A 1504 -32.06 -17.33 1.41
C LEU A 1504 -31.59 -15.89 1.33
N GLY A 1505 -30.72 -15.48 2.24
CA GLY A 1505 -30.28 -14.11 2.32
C GLY A 1505 -28.93 -13.95 2.98
N CYS A 1506 -28.74 -12.78 3.61
CA CYS A 1506 -27.53 -12.39 4.34
C CYS A 1506 -27.81 -11.05 4.99
N GLU A 1507 -26.81 -10.45 5.64
CA GLU A 1507 -27.05 -9.24 6.42
C GLU A 1507 -26.40 -8.02 5.77
N ALA A 1508 -26.87 -6.85 6.18
CA ALA A 1508 -26.33 -5.57 5.75
C ALA A 1508 -26.80 -4.50 6.75
N GLN A 1509 -26.82 -3.25 6.30
CA GLN A 1509 -27.38 -2.14 7.06
C GLN A 1509 -27.58 -0.92 6.16
N ASP A 1510 -28.83 -0.60 5.72
CA ASP A 1510 -29.07 0.38 4.62
C ASP A 1510 -29.65 1.67 5.19
N LEU A 1511 -28.85 2.74 5.17
CA LEU A 1511 -29.13 4.04 5.78
C LEU A 1511 -29.35 3.91 7.29
N TYR A 1512 -28.72 4.82 8.04
CA TYR A 1512 -28.64 4.75 9.50
C TYR A 1512 -28.04 3.42 9.96
#